data_7G7H
#
_entry.id   7G7H
#
_cell.length_a   83.797
_cell.length_b   91.443
_cell.length_c   118.645
_cell.angle_alpha   90.000
_cell.angle_beta   90.000
_cell.angle_gamma   90.000
#
_symmetry.space_group_name_H-M   'P 21 21 21'
#
loop_
_entity.id
_entity.type
_entity.pdbx_description
1 polymer 'Isoform 2 of Ectonucleotide pyrophosphatase/phosphodiesterase family member 2'
2 branched alpha-D-mannopyranose-(1-2)-alpha-D-mannopyranose-(1-3)-alpha-D-mannopyranose-(1-6)-[alpha-D-mannopyranose-(1-2)-alpha-D-mannopyranose-(1-3)]beta-D-mannopyranose-(1-4)-2-acetamido-2-deoxy-beta-D-glucopyranose-(1-4)-2-acetamido-2-deoxy-beta-D-glucopyranose
3 non-polymer 'CALCIUM ION'
4 non-polymer (2E)-N-methyl-3-{2-[(5-methyl-2H-tetrazol-2-yl)methyl]-4-(trifluoromethyl)phenyl}-N-(2-phenoxyethyl)prop-2-enamide
5 non-polymer 'ACETATE ION'
6 non-polymer 'POTASSIUM ION'
7 non-polymer 'CHLORIDE ION'
8 non-polymer 'ZINC ION'
9 non-polymer 'SODIUM ION'
10 water water
#
_entity_poly.entity_id   1
_entity_poly.type   'polypeptide(L)'
_entity_poly.pdbx_seq_one_letter_code
;FTASRIKRAEWDEGPPTVLSDSPWTATSGSCKGRCFELQEVGPPDCRCDNLCKSYSSCCHDFDELCLKTARGWECTKDRC
GEVRNEENACHCSEDCLSRGDCCTNYQVVCKGESHWVDDDCEEIKVPECPAGFVRPPLIIFSVDGFRASYMKKGSKVMPN
IEKLRSCGTHAPYMRPVYPTKTFPNLYTLATGLYPESHGIVGNSMYDPVFDASFHLRGREKFNHRWWGGQPLWITATKQG
VRAGTFFWSVSIPHERRILTILQWLSLPDNERPSVYAFYSEQPDFSGHKYGPFGPEMTNPLREIDKTVGQLMDGLKQLRL
HRCVNVIFVGDHGMEDVTCDRTEFLSNYLTNVDDITLVPGTLGRIRAKSINNSKYDPKTIIAALTCKKPDQHFKPYMKQH
LPKRLHYANNRRIEDIHLLVDRRWHVARKPLDVYKKPSGKCFFQGDHGFDNKVNSMQTVFVGYGPTFKYRTKVPPFENIE
LYNVMCDLLGLKPAPNNGTHGSLNHLLRTNTFRPTMPDEVSRPNYPGIMYLQSEFDLGCTCDDKVEPKNKLEELNKRLHT
KGSTKERHLLYGRPAVLYRTSYDILYHTDFESGYSEIFLMPLWTSYTISKQAEVSSIPEHLTNCVRPDVRVSPGFSQNCL
AYKNDKQMSYGFLFPPYLSSSPEAKYDAFLVTNMVPMYPAFKRVWAYFQRVLVKKYASERNGVNVISGPIFDYNYDGLRD
TEDEIKQYVEGSSIPVPTHYYSIITSCLDFTQPADKCDGPLSVSSFILPHRPDNDESCNSSEDESKWVEELMKMHTARVR
DIEHLTGLDFYRKTSRSYSEILTLKTYLHTYESEIGGRHHHHHHHH
;
_entity_poly.pdbx_strand_id   A
#
loop_
_chem_comp.id
_chem_comp.type
_chem_comp.name
_chem_comp.formula
ACT non-polymer 'ACETATE ION' 'C2 H3 O2 -1'
BMA D-saccharide, beta linking beta-D-mannopyranose 'C6 H12 O6'
CA non-polymer 'CALCIUM ION' 'Ca 2'
CL non-polymer 'CHLORIDE ION' 'Cl -1'
K non-polymer 'POTASSIUM ION' 'K 1'
MAN D-saccharide, alpha linking alpha-D-mannopyranose 'C6 H12 O6'
NA non-polymer 'SODIUM ION' 'Na 1'
NAG D-saccharide, beta linking 2-acetamido-2-deoxy-beta-D-glucopyranose 'C8 H15 N O6'
XR6 non-polymer (2E)-N-methyl-3-{2-[(5-methyl-2H-tetrazol-2-yl)methyl]-4-(trifluoromethyl)phenyl}-N-(2-phenoxyethyl)prop-2-enamide 'C22 H22 F3 N5 O2'
ZN non-polymer 'ZINC ION' 'Zn 2'
#
# COMPACT_ATOMS: atom_id res chain seq x y z
N TRP A 24 14.30 1.89 -38.00
CA TRP A 24 14.69 0.96 -39.10
C TRP A 24 15.33 -0.33 -38.58
N THR A 25 14.83 -1.45 -39.10
CA THR A 25 15.39 -2.78 -38.80
C THR A 25 15.86 -3.48 -40.08
N ALA A 26 17.07 -4.03 -40.01
CA ALA A 26 17.56 -4.94 -41.06
C ALA A 26 17.06 -6.37 -40.75
N THR A 27 15.73 -6.57 -40.89
CA THR A 27 15.02 -7.83 -40.46
C THR A 27 15.46 -9.12 -41.20
N SER A 28 16.44 -8.96 -42.12
CA SER A 28 17.05 -10.08 -42.88
C SER A 28 18.37 -10.65 -42.29
N GLY A 29 18.65 -10.34 -41.01
CA GLY A 29 19.47 -11.20 -40.11
C GLY A 29 18.60 -12.41 -39.72
N SER A 30 19.09 -13.30 -38.86
CA SER A 30 18.34 -14.54 -38.57
C SER A 30 18.21 -14.87 -37.06
N CYS A 31 17.13 -15.58 -36.69
CA CYS A 31 16.93 -16.04 -35.30
C CYS A 31 17.46 -17.43 -35.02
N LYS A 32 18.12 -18.05 -36.01
CA LYS A 32 18.64 -19.42 -35.85
C LYS A 32 19.59 -19.45 -34.66
N GLY A 33 19.35 -20.40 -33.75
CA GLY A 33 20.05 -20.49 -32.47
C GLY A 33 19.86 -19.34 -31.47
N ARG A 34 18.88 -18.46 -31.70
CA ARG A 34 18.77 -17.19 -30.94
C ARG A 34 17.41 -16.96 -30.30
N CYS A 35 16.54 -17.96 -30.33
CA CYS A 35 15.11 -17.78 -30.00
C CYS A 35 14.97 -17.41 -28.52
N PHE A 36 14.29 -16.29 -28.24
CA PHE A 36 14.07 -15.78 -26.87
C PHE A 36 15.39 -15.52 -26.16
N GLU A 37 16.28 -14.89 -26.92
CA GLU A 37 17.57 -14.42 -26.45
C GLU A 37 17.37 -13.47 -25.28
N LEU A 38 18.20 -13.66 -24.26
CA LEU A 38 18.10 -12.91 -23.00
C LEU A 38 18.78 -11.55 -23.09
N GLN A 39 19.93 -11.50 -23.75
CA GLN A 39 20.57 -10.23 -24.11
C GLN A 39 19.97 -9.78 -25.43
N GLU A 40 19.13 -8.76 -25.33
CA GLU A 40 18.46 -8.18 -26.48
C GLU A 40 19.46 -7.28 -27.25
N VAL A 41 19.46 -7.37 -28.58
CA VAL A 41 20.44 -6.65 -29.43
C VAL A 41 19.96 -5.31 -30.02
N GLY A 42 20.95 -4.45 -30.31
CA GLY A 42 20.74 -3.09 -30.79
C GLY A 42 20.46 -2.99 -32.29
N PRO A 43 19.33 -2.34 -32.68
CA PRO A 43 19.05 -1.85 -34.05
C PRO A 43 20.28 -1.30 -34.82
N PRO A 44 20.38 -1.53 -36.15
CA PRO A 44 19.35 -2.22 -36.95
C PRO A 44 19.47 -3.77 -37.03
N ASP A 45 20.40 -4.38 -36.30
CA ASP A 45 20.40 -5.84 -36.07
C ASP A 45 19.02 -6.25 -35.56
N CYS A 46 18.42 -7.23 -36.22
CA CYS A 46 17.09 -7.68 -35.84
C CYS A 46 17.10 -8.47 -34.51
N ARG A 47 15.91 -8.65 -33.95
CA ARG A 47 15.77 -9.14 -32.59
C ARG A 47 15.03 -10.45 -32.57
N CYS A 48 15.32 -11.28 -31.57
CA CYS A 48 14.67 -12.57 -31.36
C CYS A 48 14.20 -12.70 -29.90
N ASP A 49 14.13 -11.57 -29.18
CA ASP A 49 13.70 -11.56 -27.76
C ASP A 49 12.17 -11.61 -27.54
N ASN A 50 11.78 -11.82 -26.27
CA ASN A 50 10.39 -11.82 -25.77
C ASN A 50 9.54 -10.66 -26.27
N LEU A 51 10.16 -9.50 -26.50
CA LEU A 51 9.44 -8.30 -26.88
C LEU A 51 9.59 -7.84 -28.34
N CYS A 52 10.37 -8.57 -29.15
CA CYS A 52 10.64 -8.13 -30.54
C CYS A 52 9.33 -7.82 -31.27
N LYS A 53 8.31 -8.66 -31.11
CA LYS A 53 6.99 -8.46 -31.74
C LYS A 53 6.39 -7.09 -31.38
N SER A 54 6.49 -6.70 -30.10
CA SER A 54 5.97 -5.43 -29.60
C SER A 54 6.62 -4.20 -30.25
N TYR A 55 7.93 -4.28 -30.51
CA TYR A 55 8.73 -3.25 -31.20
C TYR A 55 8.66 -3.34 -32.74
N SER A 56 7.96 -4.35 -33.28
CA SER A 56 8.00 -4.74 -34.71
C SER A 56 9.44 -4.81 -35.21
N SER A 57 10.23 -5.65 -34.57
CA SER A 57 11.66 -5.72 -34.85
C SER A 57 12.22 -7.14 -34.97
N CYS A 58 11.33 -8.14 -35.02
CA CYS A 58 11.78 -9.54 -35.12
C CYS A 58 12.46 -9.80 -36.46
N CYS A 59 13.43 -10.72 -36.45
CA CYS A 59 14.02 -11.23 -37.71
C CYS A 59 12.93 -11.94 -38.49
N HIS A 60 13.06 -11.90 -39.82
CA HIS A 60 12.16 -12.54 -40.80
C HIS A 60 11.71 -13.96 -40.43
N ASP A 61 12.61 -14.73 -39.82
CA ASP A 61 12.36 -16.15 -39.49
C ASP A 61 11.95 -16.44 -38.03
N PHE A 62 11.66 -15.38 -37.28
CA PHE A 62 11.19 -15.52 -35.89
C PHE A 62 10.00 -16.45 -35.76
N ASP A 63 8.93 -16.23 -36.54
CA ASP A 63 7.74 -17.08 -36.45
C ASP A 63 8.08 -18.53 -36.73
N GLU A 64 8.82 -18.77 -37.83
CA GLU A 64 9.16 -20.12 -38.25
C GLU A 64 10.00 -20.87 -37.19
N LEU A 65 11.04 -20.20 -36.70
CA LEU A 65 12.02 -20.82 -35.78
C LEU A 65 11.63 -20.80 -34.29
N CYS A 66 11.06 -19.68 -33.84
CA CYS A 66 10.76 -19.45 -32.42
C CYS A 66 9.32 -19.70 -32.00
N LEU A 67 8.38 -19.55 -32.93
CA LEU A 67 6.96 -19.75 -32.64
C LEU A 67 6.35 -20.98 -33.34
N LYS A 68 7.10 -22.08 -33.33
CA LYS A 68 6.65 -23.39 -33.81
C LYS A 68 5.36 -23.83 -33.15
N THR A 69 4.49 -24.46 -33.92
CA THR A 69 3.19 -24.94 -33.42
C THR A 69 2.87 -26.37 -33.85
N ALA A 70 3.62 -26.85 -34.86
CA ALA A 70 3.38 -28.15 -35.48
C ALA A 70 3.14 -29.22 -34.43
N ARG A 71 2.00 -29.88 -34.57
CA ARG A 71 1.54 -31.02 -33.76
C ARG A 71 0.99 -30.70 -32.35
N GLY A 72 0.79 -29.42 -32.04
CA GLY A 72 0.20 -29.00 -30.76
C GLY A 72 1.16 -29.04 -29.58
N TRP A 73 0.59 -29.14 -28.36
CA TRP A 73 1.35 -28.90 -27.13
C TRP A 73 1.41 -30.10 -26.23
N GLU A 74 0.87 -31.22 -26.70
CA GLU A 74 0.80 -32.45 -25.90
C GLU A 74 1.39 -33.66 -26.61
N CYS A 75 2.10 -34.50 -25.86
CA CYS A 75 2.50 -35.81 -26.36
C CYS A 75 1.26 -36.70 -26.41
N THR A 76 1.20 -37.59 -27.41
CA THR A 76 0.16 -38.63 -27.50
C THR A 76 0.88 -39.97 -27.56
N LYS A 77 0.14 -41.06 -27.35
CA LYS A 77 0.74 -42.40 -27.23
C LYS A 77 1.60 -42.81 -28.45
N ASP A 78 1.16 -42.41 -29.65
CA ASP A 78 1.90 -42.70 -30.88
C ASP A 78 3.21 -41.92 -31.06
N ARG A 79 3.32 -40.73 -30.42
CA ARG A 79 4.56 -39.94 -30.49
C ARG A 79 5.67 -40.40 -29.54
N CYS A 80 5.39 -41.36 -28.66
CA CYS A 80 6.37 -41.78 -27.66
C CYS A 80 7.59 -42.41 -28.31
N GLY A 81 8.77 -41.94 -27.88
CA GLY A 81 10.05 -42.37 -28.43
C GLY A 81 10.27 -42.08 -29.91
N GLU A 82 9.50 -41.14 -30.47
CA GLU A 82 9.62 -40.70 -31.86
C GLU A 82 11.04 -40.24 -32.18
N VAL A 83 11.30 -40.11 -33.48
CA VAL A 83 12.48 -39.43 -33.96
C VAL A 83 12.20 -37.93 -33.88
N ARG A 84 13.13 -37.21 -33.25
CA ARG A 84 13.14 -35.76 -33.15
C ARG A 84 12.92 -35.07 -34.51
N ASN A 85 11.84 -34.29 -34.58
CA ASN A 85 11.51 -33.50 -35.73
C ASN A 85 11.50 -32.05 -35.27
N GLU A 86 12.47 -31.27 -35.73
CA GLU A 86 12.64 -29.87 -35.29
C GLU A 86 11.45 -28.93 -35.53
N GLU A 87 10.59 -29.26 -36.50
CA GLU A 87 9.37 -28.46 -36.77
C GLU A 87 8.33 -28.46 -35.63
N ASN A 88 8.35 -29.51 -34.82
CA ASN A 88 7.36 -29.76 -33.77
C ASN A 88 7.41 -28.71 -32.67
N ALA A 89 6.25 -28.40 -32.09
CA ALA A 89 6.16 -27.35 -31.06
C ALA A 89 6.91 -27.77 -29.82
N CYS A 90 6.79 -29.04 -29.47
CA CYS A 90 7.53 -29.61 -28.35
C CYS A 90 7.76 -31.08 -28.70
N HIS A 91 8.52 -31.82 -27.89
CA HIS A 91 9.08 -33.12 -28.32
C HIS A 91 8.71 -34.28 -27.42
N CYS A 92 8.66 -35.49 -28.00
CA CYS A 92 8.26 -36.70 -27.30
C CYS A 92 9.28 -37.80 -27.49
N SER A 93 10.43 -37.40 -28.04
CA SER A 93 11.59 -38.26 -28.28
C SER A 93 12.36 -38.47 -26.97
N GLU A 94 13.25 -39.46 -26.98
CA GLU A 94 13.99 -39.88 -25.79
C GLU A 94 14.96 -38.83 -25.28
N ASP A 95 15.57 -38.09 -26.21
CA ASP A 95 16.55 -37.05 -25.91
C ASP A 95 15.98 -35.74 -25.34
N CYS A 96 14.65 -35.56 -25.40
CA CYS A 96 14.02 -34.26 -25.09
C CYS A 96 14.34 -33.72 -23.69
N LEU A 97 14.37 -34.63 -22.71
CA LEU A 97 14.69 -34.27 -21.30
C LEU A 97 16.06 -33.60 -21.13
N SER A 98 17.12 -34.18 -21.73
CA SER A 98 18.47 -33.57 -21.74
C SER A 98 18.37 -32.20 -22.36
N ARG A 99 17.80 -32.16 -23.57
CA ARG A 99 17.55 -30.93 -24.33
C ARG A 99 16.63 -29.92 -23.62
N GLY A 100 15.73 -30.37 -22.74
CA GLY A 100 14.78 -29.50 -21.99
C GLY A 100 13.52 -29.05 -22.73
N ASP A 101 13.14 -29.74 -23.81
CA ASP A 101 12.04 -29.29 -24.67
C ASP A 101 10.96 -30.35 -24.95
N CYS A 102 10.78 -31.29 -24.02
CA CYS A 102 9.63 -32.19 -24.03
C CYS A 102 8.33 -31.37 -23.87
N CYS A 103 7.26 -31.82 -24.52
CA CYS A 103 5.92 -31.38 -24.13
C CYS A 103 5.78 -31.68 -22.63
N THR A 104 5.07 -30.83 -21.91
CA THR A 104 5.02 -30.96 -20.45
C THR A 104 4.40 -32.26 -19.96
N ASN A 105 3.62 -32.93 -20.82
CA ASN A 105 2.95 -34.19 -20.41
C ASN A 105 3.69 -35.47 -20.87
N TYR A 106 4.89 -35.30 -21.41
CA TYR A 106 5.72 -36.40 -21.92
C TYR A 106 5.88 -37.58 -20.96
N GLN A 107 6.35 -37.35 -19.75
CA GLN A 107 6.50 -38.46 -18.79
C GLN A 107 5.18 -39.12 -18.43
N VAL A 108 4.12 -38.33 -18.39
CA VAL A 108 2.81 -38.89 -18.07
C VAL A 108 2.33 -39.84 -19.16
N VAL A 109 2.42 -39.40 -20.43
CA VAL A 109 1.95 -40.20 -21.57
C VAL A 109 2.93 -41.34 -21.88
N CYS A 110 4.22 -41.04 -21.93
CA CYS A 110 5.24 -41.99 -22.36
C CYS A 110 6.00 -42.76 -21.29
N LYS A 111 5.94 -42.35 -20.01
CA LYS A 111 6.68 -43.09 -18.95
C LYS A 111 5.83 -43.52 -17.76
N GLY A 112 4.50 -43.44 -17.87
CA GLY A 112 3.59 -43.76 -16.78
C GLY A 112 3.67 -42.87 -15.53
N GLU A 113 4.26 -41.67 -15.66
CA GLU A 113 4.27 -40.77 -14.53
C GLU A 113 2.87 -40.18 -14.31
N SER A 114 2.61 -39.72 -13.10
CA SER A 114 1.39 -38.98 -12.76
C SER A 114 1.57 -37.45 -12.97
N HIS A 115 0.46 -36.75 -13.26
CA HIS A 115 0.45 -35.27 -13.26
C HIS A 115 0.77 -34.81 -11.86
N TRP A 116 1.52 -33.72 -11.76
CA TRP A 116 1.79 -33.07 -10.45
C TRP A 116 0.54 -32.88 -9.61
N VAL A 117 -0.56 -32.42 -10.23
CA VAL A 117 -1.79 -32.17 -9.47
C VAL A 117 -2.38 -33.39 -8.78
N ASP A 118 -2.08 -34.59 -9.29
CA ASP A 118 -2.62 -35.85 -8.69
C ASP A 118 -1.78 -36.44 -7.57
N ASP A 119 -0.61 -35.85 -7.33
CA ASP A 119 0.30 -36.31 -6.29
C ASP A 119 -0.09 -35.65 -4.99
N ASP A 120 -0.04 -36.40 -3.89
CA ASP A 120 -0.27 -35.84 -2.55
C ASP A 120 0.74 -34.74 -2.32
N CYS A 121 0.40 -33.74 -1.53
CA CYS A 121 1.51 -32.87 -1.21
C CYS A 121 2.36 -33.35 -0.07
N GLU A 122 3.65 -33.08 -0.17
CA GLU A 122 4.59 -33.50 0.83
C GLU A 122 5.38 -32.27 1.16
N GLU A 123 5.61 -32.01 2.44
CA GLU A 123 6.40 -30.86 2.90
C GLU A 123 7.72 -30.79 2.15
N ILE A 124 8.10 -29.60 1.70
CA ILE A 124 9.38 -29.44 1.06
C ILE A 124 10.25 -28.76 2.13
N LYS A 125 10.98 -29.56 2.92
CA LYS A 125 11.80 -29.00 4.00
C LYS A 125 13.07 -28.33 3.51
N VAL A 126 13.64 -28.82 2.42
CA VAL A 126 14.90 -28.32 1.91
C VAL A 126 14.78 -28.24 0.39
N PRO A 127 15.58 -27.37 -0.26
CA PRO A 127 15.55 -27.39 -1.74
C PRO A 127 16.09 -28.71 -2.24
N GLU A 128 15.35 -29.36 -3.15
CA GLU A 128 15.82 -30.62 -3.78
C GLU A 128 16.14 -30.35 -5.24
N CYS A 129 17.34 -29.86 -5.46
CA CYS A 129 17.75 -29.31 -6.74
C CYS A 129 18.84 -30.18 -7.37
N PRO A 130 18.86 -30.29 -8.72
CA PRO A 130 19.97 -30.94 -9.45
C PRO A 130 21.32 -30.31 -9.12
N ALA A 131 22.36 -31.13 -9.21
CA ALA A 131 23.71 -30.65 -8.94
C ALA A 131 23.99 -29.48 -9.89
N GLY A 132 24.65 -28.48 -9.35
CA GLY A 132 25.00 -27.32 -10.15
C GLY A 132 24.10 -26.12 -9.93
N PHE A 133 22.94 -26.31 -9.29
CA PHE A 133 22.10 -25.15 -8.88
C PHE A 133 22.68 -24.49 -7.64
N VAL A 134 22.99 -23.20 -7.71
CA VAL A 134 23.56 -22.46 -6.55
C VAL A 134 22.49 -21.93 -5.57
N ARG A 135 21.24 -21.81 -6.04
CA ARG A 135 20.14 -21.28 -5.20
C ARG A 135 18.83 -21.78 -5.85
N PRO A 136 17.77 -21.93 -5.07
CA PRO A 136 16.46 -22.29 -5.68
C PRO A 136 16.04 -21.21 -6.67
N PRO A 137 15.68 -21.59 -7.93
CA PRO A 137 15.15 -20.52 -8.80
C PRO A 137 13.81 -20.00 -8.28
N LEU A 138 13.46 -18.77 -8.67
CA LEU A 138 12.16 -18.18 -8.41
C LEU A 138 11.39 -17.97 -9.71
N ILE A 139 10.16 -18.51 -9.79
CA ILE A 139 9.25 -18.28 -10.92
C ILE A 139 8.02 -17.48 -10.44
N ILE A 140 7.84 -16.28 -10.99
CA ILE A 140 6.70 -15.45 -10.62
C ILE A 140 5.63 -15.71 -11.68
N PHE A 141 4.50 -16.28 -11.27
CA PHE A 141 3.43 -16.56 -12.22
C PHE A 141 2.36 -15.48 -11.99
N SER A 142 2.33 -14.46 -12.84
CA SER A 142 1.49 -13.30 -12.60
C SER A 142 0.28 -13.34 -13.50
N VAL A 143 -0.88 -13.03 -12.90
CA VAL A 143 -2.16 -13.14 -13.61
C VAL A 143 -2.85 -11.78 -13.50
N ASP A 144 -3.25 -11.26 -14.66
CA ASP A 144 -3.85 -9.93 -14.73
C ASP A 144 -5.36 -10.02 -14.35
N GLY A 145 -5.78 -9.13 -13.45
CA GLY A 145 -7.18 -9.06 -13.05
C GLY A 145 -7.72 -10.24 -12.29
N PHE A 146 -6.85 -11.02 -11.64
CA PHE A 146 -7.28 -12.17 -10.86
C PHE A 146 -7.74 -11.71 -9.45
N ARG A 147 -9.02 -11.47 -9.35
CA ARG A 147 -9.67 -11.02 -8.13
C ARG A 147 -9.55 -12.04 -7.01
N ALA A 148 -9.37 -11.55 -5.79
CA ALA A 148 -9.11 -12.44 -4.64
C ALA A 148 -10.14 -13.54 -4.42
N SER A 149 -11.42 -13.20 -4.56
CA SER A 149 -12.46 -14.21 -4.36
C SER A 149 -12.50 -15.35 -5.40
N TYR A 150 -11.81 -15.21 -6.55
CA TYR A 150 -11.70 -16.36 -7.47
C TYR A 150 -11.10 -17.59 -6.82
N MET A 151 -10.23 -17.42 -5.82
CA MET A 151 -9.64 -18.60 -5.16
C MET A 151 -10.67 -19.53 -4.51
N LYS A 152 -11.71 -18.95 -3.94
CA LYS A 152 -12.80 -19.74 -3.35
C LYS A 152 -13.85 -20.01 -4.44
N LYS A 153 -14.29 -18.96 -5.14
CA LYS A 153 -15.40 -19.09 -6.08
C LYS A 153 -15.12 -19.99 -7.31
N GLY A 154 -13.86 -20.05 -7.75
CA GLY A 154 -13.51 -20.86 -8.91
C GLY A 154 -12.76 -22.12 -8.51
N SER A 155 -12.75 -22.44 -7.23
CA SER A 155 -11.90 -23.53 -6.74
C SER A 155 -12.13 -24.88 -7.40
N LYS A 156 -13.38 -25.18 -7.80
CA LYS A 156 -13.73 -26.43 -8.50
C LYS A 156 -13.10 -26.55 -9.88
N VAL A 157 -12.78 -25.42 -10.51
CA VAL A 157 -12.23 -25.50 -11.85
C VAL A 157 -10.72 -25.21 -11.93
N MET A 158 -10.10 -25.03 -10.76
CA MET A 158 -8.67 -24.68 -10.69
C MET A 158 -7.90 -25.63 -9.76
N PRO A 159 -7.89 -26.93 -10.10
CA PRO A 159 -7.22 -27.87 -9.21
C PRO A 159 -5.71 -27.62 -8.99
N ASN A 160 -4.96 -27.23 -10.02
CA ASN A 160 -3.52 -26.99 -9.83
C ASN A 160 -3.24 -25.80 -8.91
N ILE A 161 -3.98 -24.72 -9.11
CA ILE A 161 -3.86 -23.50 -8.30
C ILE A 161 -4.29 -23.79 -6.86
N GLU A 162 -5.33 -24.63 -6.70
CA GLU A 162 -5.80 -24.99 -5.36
C GLU A 162 -4.82 -25.82 -4.58
N LYS A 163 -4.08 -26.66 -5.30
CA LYS A 163 -2.98 -27.41 -4.67
C LYS A 163 -1.84 -26.47 -4.27
N LEU A 164 -1.46 -25.55 -5.15
CA LEU A 164 -0.44 -24.51 -4.74
C LEU A 164 -0.89 -23.79 -3.45
N ARG A 165 -2.13 -23.34 -3.48
CA ARG A 165 -2.70 -22.61 -2.38
C ARG A 165 -2.78 -23.42 -1.08
N SER A 166 -3.27 -24.66 -1.14
CA SER A 166 -3.51 -25.37 0.11
C SER A 166 -2.22 -25.97 0.66
N CYS A 167 -1.29 -26.28 -0.24
CA CYS A 167 -0.03 -26.94 0.18
C CYS A 167 1.08 -25.93 0.53
N GLY A 168 1.00 -24.74 -0.07
CA GLY A 168 1.99 -23.67 0.16
C GLY A 168 1.53 -22.71 1.24
N THR A 169 2.02 -21.47 1.10
CA THR A 169 1.65 -20.36 1.94
C THR A 169 0.72 -19.46 1.15
N HIS A 170 -0.39 -19.04 1.72
CA HIS A 170 -1.31 -18.16 0.99
C HIS A 170 -1.86 -17.08 1.91
N ALA A 171 -2.26 -15.94 1.35
CA ALA A 171 -3.01 -14.93 2.11
C ALA A 171 -4.43 -15.01 1.56
N PRO A 172 -5.44 -14.63 2.37
CA PRO A 172 -6.84 -14.58 1.87
C PRO A 172 -6.97 -13.60 0.71
N TYR A 173 -6.17 -12.53 0.72
CA TYR A 173 -6.06 -11.59 -0.41
C TYR A 173 -4.84 -10.74 -0.21
N MET A 174 -4.44 -10.07 -1.28
CA MET A 174 -3.30 -9.19 -1.26
C MET A 174 -3.83 -7.82 -1.75
N ARG A 175 -3.43 -6.76 -1.06
CA ARG A 175 -3.84 -5.38 -1.40
C ARG A 175 -2.97 -4.82 -2.51
N PRO A 176 -3.61 -4.36 -3.61
CA PRO A 176 -2.85 -3.74 -4.71
C PRO A 176 -2.53 -2.29 -4.31
N VAL A 177 -1.79 -1.55 -5.13
CA VAL A 177 -1.63 -0.12 -4.91
C VAL A 177 -2.67 0.66 -5.73
N TYR A 178 -2.85 1.93 -5.40
CA TYR A 178 -3.72 2.84 -6.14
C TYR A 178 -2.86 3.58 -7.18
N PRO A 179 -3.35 3.75 -8.41
CA PRO A 179 -4.62 3.23 -8.89
C PRO A 179 -4.52 1.76 -9.23
N THR A 180 -5.63 1.05 -9.04
CA THR A 180 -5.61 -0.41 -9.17
C THR A 180 -5.67 -0.75 -10.67
N LYS A 181 -4.72 -0.20 -11.43
CA LYS A 181 -4.51 -0.48 -12.85
C LYS A 181 -3.30 -1.43 -13.04
N THR A 182 -3.16 -1.99 -14.24
CA THR A 182 -2.16 -3.02 -14.51
C THR A 182 -0.74 -2.49 -14.41
N PHE A 183 -0.44 -1.42 -15.13
CA PHE A 183 0.96 -0.98 -15.19
C PHE A 183 1.52 -0.51 -13.84
N PRO A 184 0.76 0.32 -13.10
CA PRO A 184 1.22 0.75 -11.75
C PRO A 184 1.46 -0.44 -10.84
N ASN A 185 0.58 -1.43 -10.93
CA ASN A 185 0.71 -2.55 -10.01
C ASN A 185 1.78 -3.58 -10.35
N LEU A 186 1.96 -3.87 -11.64
CA LEU A 186 3.06 -4.78 -12.04
C LEU A 186 4.39 -4.14 -11.70
N TYR A 187 4.49 -2.83 -11.93
CA TYR A 187 5.79 -2.19 -11.67
C TYR A 187 6.05 -2.02 -10.16
N THR A 188 4.99 -1.83 -9.37
CA THR A 188 5.13 -1.88 -7.89
C THR A 188 5.58 -3.27 -7.44
N LEU A 189 4.97 -4.33 -7.99
CA LEU A 189 5.44 -5.69 -7.71
C LEU A 189 6.94 -5.83 -7.96
N ALA A 190 7.38 -5.32 -9.10
CA ALA A 190 8.79 -5.39 -9.53
C ALA A 190 9.72 -4.56 -8.68
N THR A 191 9.23 -3.52 -8.04
CA THR A 191 10.14 -2.52 -7.40
C THR A 191 9.99 -2.32 -5.91
N GLY A 192 8.82 -2.65 -5.38
CA GLY A 192 8.54 -2.38 -3.97
C GLY A 192 8.17 -0.93 -3.74
N LEU A 193 7.93 -0.17 -4.82
CA LEU A 193 7.70 1.27 -4.68
C LEU A 193 6.26 1.67 -4.98
N TYR A 194 5.76 2.67 -4.27
CA TYR A 194 4.48 3.32 -4.61
C TYR A 194 4.62 3.93 -6.07
N PRO A 195 3.55 3.92 -6.85
CA PRO A 195 3.53 4.54 -8.19
C PRO A 195 4.08 5.97 -8.18
N GLU A 196 3.79 6.76 -7.14
CA GLU A 196 4.31 8.13 -7.09
C GLU A 196 5.85 8.15 -7.08
N SER A 197 6.46 7.08 -6.56
CA SER A 197 7.92 7.00 -6.55
C SER A 197 8.51 6.33 -7.78
N HIS A 198 7.90 5.24 -8.28
CA HIS A 198 8.43 4.59 -9.46
C HIS A 198 8.07 5.28 -10.77
N GLY A 199 7.07 6.17 -10.71
CA GLY A 199 6.73 7.00 -11.86
C GLY A 199 5.67 6.51 -12.81
N ILE A 200 5.29 5.24 -12.71
CA ILE A 200 4.20 4.68 -13.51
C ILE A 200 2.90 4.88 -12.74
N VAL A 201 2.34 6.09 -12.86
CA VAL A 201 1.29 6.56 -11.96
C VAL A 201 -0.05 6.25 -12.55
N GLY A 202 -0.04 5.74 -13.78
CA GLY A 202 -1.27 5.33 -14.43
C GLY A 202 -0.95 4.46 -15.65
N ASN A 203 -1.98 3.92 -16.30
CA ASN A 203 -1.80 3.32 -17.63
C ASN A 203 -1.58 4.42 -18.71
N SER A 204 -2.06 5.64 -18.45
CA SER A 204 -1.91 6.80 -19.33
C SER A 204 -1.32 7.98 -18.53
N MET A 205 -0.33 8.71 -19.07
CA MET A 205 0.34 9.78 -18.31
C MET A 205 0.85 10.88 -19.20
N TYR A 206 0.83 12.12 -18.70
CA TYR A 206 1.56 13.24 -19.33
C TYR A 206 2.65 13.67 -18.38
N ASP A 207 3.91 13.70 -18.82
CA ASP A 207 4.95 14.30 -18.03
C ASP A 207 5.25 15.72 -18.59
N PRO A 208 5.03 16.75 -17.79
CA PRO A 208 5.16 18.11 -18.29
C PRO A 208 6.61 18.56 -18.37
N VAL A 209 7.54 17.87 -17.67
CA VAL A 209 8.97 18.16 -17.85
C VAL A 209 9.47 17.65 -19.19
N PHE A 210 9.11 16.41 -19.52
CA PHE A 210 9.47 15.83 -20.82
C PHE A 210 8.63 16.47 -21.92
N ASP A 211 7.46 17.04 -21.56
CA ASP A 211 6.35 17.26 -22.49
C ASP A 211 6.20 16.03 -23.38
N ALA A 212 5.83 14.91 -22.79
CA ALA A 212 5.56 13.69 -23.57
C ALA A 212 4.47 12.92 -22.87
N SER A 213 3.72 12.13 -23.64
CA SER A 213 2.64 11.28 -23.15
C SER A 213 3.03 9.80 -23.20
N PHE A 214 2.55 9.05 -22.21
CA PHE A 214 2.82 7.60 -22.06
C PHE A 214 1.46 6.96 -22.26
N HIS A 215 1.40 5.92 -23.11
CA HIS A 215 0.14 5.15 -23.34
C HIS A 215 0.41 3.65 -23.46
N LEU A 216 -0.60 2.82 -23.20
CA LEU A 216 -0.44 1.35 -23.32
C LEU A 216 -0.08 0.92 -24.75
N ARG A 217 -0.70 1.58 -25.72
CA ARG A 217 -0.43 1.29 -27.09
C ARG A 217 0.55 2.34 -27.55
N GLY A 218 1.60 1.91 -28.23
CA GLY A 218 2.53 2.85 -28.83
C GLY A 218 3.94 2.68 -28.32
N ARG A 219 4.81 3.59 -28.75
CA ARG A 219 6.25 3.43 -28.60
C ARG A 219 6.85 4.18 -27.40
N GLU A 220 6.19 5.23 -26.92
CA GLU A 220 6.80 6.13 -25.89
C GLU A 220 7.07 5.39 -24.56
N LYS A 221 6.22 4.41 -24.26
CA LYS A 221 6.36 3.55 -23.08
C LYS A 221 7.67 2.74 -23.08
N PHE A 222 8.29 2.56 -24.26
CA PHE A 222 9.57 1.89 -24.33
C PHE A 222 10.70 2.76 -23.85
N ASN A 223 10.49 4.07 -23.79
CA ASN A 223 11.57 4.93 -23.32
C ASN A 223 11.82 4.73 -21.81
N HIS A 224 13.07 4.46 -21.44
CA HIS A 224 13.45 4.15 -20.06
C HIS A 224 13.26 5.30 -19.05
N ARG A 225 13.24 6.55 -19.53
CA ARG A 225 12.96 7.71 -18.67
C ARG A 225 11.60 7.68 -17.91
N TRP A 226 10.64 6.86 -18.36
CA TRP A 226 9.39 6.74 -17.58
C TRP A 226 9.53 5.91 -16.29
N TRP A 227 10.47 4.96 -16.32
CA TRP A 227 10.49 3.82 -15.42
C TRP A 227 11.52 4.05 -14.33
N GLY A 228 11.09 4.50 -13.15
CA GLY A 228 12.03 4.81 -12.04
C GLY A 228 12.25 3.61 -11.09
N GLY A 229 12.97 3.85 -10.00
CA GLY A 229 13.37 2.81 -9.06
C GLY A 229 14.28 1.75 -9.69
N GLN A 230 14.29 0.57 -9.12
CA GLN A 230 15.15 -0.49 -9.60
C GLN A 230 14.36 -1.80 -9.52
N PRO A 231 13.88 -2.26 -10.67
CA PRO A 231 13.07 -3.47 -10.69
C PRO A 231 13.90 -4.73 -10.42
N LEU A 232 13.21 -5.77 -9.99
CA LEU A 232 13.86 -7.00 -9.51
C LEU A 232 14.88 -7.57 -10.53
N TRP A 233 14.55 -7.53 -11.82
CA TRP A 233 15.50 -8.10 -12.83
C TRP A 233 16.82 -7.32 -12.88
N ILE A 234 16.78 -6.00 -12.61
CA ILE A 234 17.99 -5.18 -12.55
C ILE A 234 18.71 -5.42 -11.23
N THR A 235 17.95 -5.52 -10.14
CA THR A 235 18.55 -5.83 -8.84
C THR A 235 19.34 -7.15 -8.91
N ALA A 236 18.75 -8.14 -9.56
CA ALA A 236 19.36 -9.45 -9.68
C ALA A 236 20.67 -9.30 -10.51
N THR A 237 20.57 -8.67 -11.69
CA THR A 237 21.72 -8.58 -12.62
C THR A 237 22.88 -7.85 -11.96
N LYS A 238 22.60 -6.69 -11.33
CA LYS A 238 23.62 -5.92 -10.61
C LYS A 238 24.39 -6.74 -9.58
N GLN A 239 23.74 -7.77 -9.04
CA GLN A 239 24.32 -8.58 -7.97
C GLN A 239 24.75 -9.94 -8.47
N GLY A 240 24.87 -10.12 -9.77
CA GLY A 240 25.42 -11.36 -10.31
C GLY A 240 24.42 -12.50 -10.41
N VAL A 241 23.13 -12.20 -10.34
CA VAL A 241 22.09 -13.25 -10.46
C VAL A 241 21.41 -13.01 -11.80
N ARG A 242 21.42 -14.01 -12.67
CA ARG A 242 20.87 -13.87 -14.06
C ARG A 242 19.35 -13.90 -14.04
N ALA A 243 18.73 -13.09 -14.88
CA ALA A 243 17.27 -12.97 -14.87
C ALA A 243 16.70 -13.33 -16.22
N GLY A 244 15.65 -14.12 -16.26
CA GLY A 244 14.89 -14.33 -17.52
C GLY A 244 14.14 -13.03 -17.86
N THR A 245 13.68 -12.83 -19.10
CA THR A 245 13.03 -11.51 -19.37
C THR A 245 11.60 -11.57 -18.81
N PHE A 246 11.12 -10.50 -18.16
CA PHE A 246 9.82 -10.60 -17.46
C PHE A 246 8.60 -10.38 -18.36
N PHE A 247 8.81 -9.55 -19.39
CA PHE A 247 7.78 -9.06 -20.29
C PHE A 247 7.58 -10.06 -21.42
N TRP A 248 6.33 -10.21 -21.88
CA TRP A 248 6.04 -11.08 -23.03
C TRP A 248 5.17 -10.30 -24.02
N SER A 249 5.55 -10.28 -25.30
CA SER A 249 4.62 -9.81 -26.37
C SER A 249 3.31 -10.61 -26.40
N VAL A 250 2.18 -9.91 -26.59
CA VAL A 250 0.84 -10.53 -26.44
C VAL A 250 0.60 -11.74 -27.37
N SER A 251 1.18 -11.71 -28.57
CA SER A 251 0.94 -12.77 -29.56
C SER A 251 1.72 -14.07 -29.26
N ILE A 252 2.66 -14.05 -28.32
CA ILE A 252 3.35 -15.30 -27.94
C ILE A 252 2.41 -16.15 -27.09
N PRO A 253 2.02 -17.34 -27.58
CA PRO A 253 1.04 -18.10 -26.80
C PRO A 253 1.56 -18.55 -25.42
N HIS A 254 0.64 -18.72 -24.49
CA HIS A 254 1.00 -19.09 -23.13
C HIS A 254 1.82 -20.38 -23.06
N GLU A 255 1.48 -21.39 -23.86
CA GLU A 255 2.25 -22.65 -23.81
C GLU A 255 3.72 -22.44 -24.21
N ARG A 256 3.94 -21.53 -25.16
CA ARG A 256 5.27 -21.17 -25.61
C ARG A 256 6.07 -20.41 -24.51
N ARG A 257 5.38 -19.60 -23.72
CA ARG A 257 6.06 -18.84 -22.63
C ARG A 257 6.55 -19.89 -21.60
N ILE A 258 5.69 -20.83 -21.23
CA ILE A 258 6.00 -21.89 -20.28
C ILE A 258 7.18 -22.74 -20.80
N LEU A 259 7.11 -23.15 -22.09
CA LEU A 259 8.17 -23.99 -22.66
C LEU A 259 9.49 -23.24 -22.72
N THR A 260 9.43 -21.95 -23.04
CA THR A 260 10.60 -21.08 -23.02
C THR A 260 11.25 -21.03 -21.61
N ILE A 261 10.45 -20.82 -20.57
CA ILE A 261 10.98 -20.84 -19.19
C ILE A 261 11.61 -22.20 -18.86
N LEU A 262 10.96 -23.29 -19.31
CA LEU A 262 11.47 -24.63 -19.01
C LEU A 262 12.77 -24.94 -19.75
N GLN A 263 12.90 -24.42 -20.97
CA GLN A 263 14.21 -24.47 -21.68
C GLN A 263 15.29 -23.64 -21.01
N TRP A 264 14.96 -22.44 -20.55
CA TRP A 264 15.95 -21.63 -19.88
C TRP A 264 16.46 -22.38 -18.67
N LEU A 265 15.55 -23.06 -17.97
CA LEU A 265 15.93 -23.82 -16.78
C LEU A 265 16.82 -24.99 -17.07
N SER A 266 16.91 -25.38 -18.34
CA SER A 266 17.78 -26.47 -18.76
C SER A 266 19.13 -25.97 -19.30
N LEU A 267 19.37 -24.66 -19.30
CA LEU A 267 20.68 -24.12 -19.69
C LEU A 267 21.80 -24.61 -18.74
N PRO A 268 23.07 -24.57 -19.22
CA PRO A 268 24.21 -24.85 -18.36
C PRO A 268 24.26 -23.86 -17.20
N ASP A 269 24.82 -24.30 -16.08
CA ASP A 269 24.89 -23.51 -14.84
C ASP A 269 25.30 -22.05 -15.04
N ASN A 270 26.30 -21.82 -15.89
CA ASN A 270 26.80 -20.49 -16.12
C ASN A 270 25.87 -19.57 -16.94
N GLU A 271 24.86 -20.13 -17.62
CA GLU A 271 23.98 -19.31 -18.50
C GLU A 271 22.53 -19.22 -17.97
N ARG A 272 22.18 -20.13 -17.08
CA ARG A 272 20.82 -20.34 -16.62
C ARG A 272 20.35 -19.25 -15.66
N PRO A 273 19.26 -18.54 -16.02
CA PRO A 273 18.78 -17.54 -15.04
C PRO A 273 18.24 -18.17 -13.73
N SER A 274 18.29 -17.38 -12.66
CA SER A 274 17.70 -17.81 -11.39
C SER A 274 16.31 -17.21 -11.13
N VAL A 275 15.87 -16.25 -11.94
CA VAL A 275 14.55 -15.62 -11.71
C VAL A 275 13.85 -15.45 -13.03
N TYR A 276 12.54 -15.75 -13.02
CA TYR A 276 11.70 -15.74 -14.20
C TYR A 276 10.34 -15.18 -13.88
N ALA A 277 9.67 -14.66 -14.89
CA ALA A 277 8.24 -14.34 -14.69
C ALA A 277 7.42 -14.85 -15.89
N PHE A 278 6.24 -15.34 -15.59
CA PHE A 278 5.25 -15.63 -16.62
C PHE A 278 4.17 -14.58 -16.43
N TYR A 279 3.54 -14.13 -17.50
CA TYR A 279 2.47 -13.17 -17.42
C TYR A 279 1.29 -13.70 -18.22
N SER A 280 0.11 -13.66 -17.63
CA SER A 280 -1.16 -13.94 -18.31
C SER A 280 -2.03 -12.68 -18.42
N GLU A 281 -2.53 -12.38 -19.63
CA GLU A 281 -3.44 -11.24 -19.84
C GLU A 281 -4.85 -11.57 -19.30
N GLN A 282 -5.05 -12.84 -18.97
CA GLN A 282 -6.29 -13.38 -18.43
C GLN A 282 -6.14 -13.55 -16.89
N PRO A 283 -7.22 -13.42 -16.09
CA PRO A 283 -8.62 -13.29 -16.57
C PRO A 283 -9.09 -11.84 -16.83
N ASP A 284 -8.20 -10.86 -16.69
CA ASP A 284 -8.55 -9.46 -16.93
C ASP A 284 -9.27 -9.23 -18.30
N PHE A 285 -8.74 -9.82 -19.36
CA PHE A 285 -9.20 -9.54 -20.71
C PHE A 285 -10.69 -9.90 -20.82
N SER A 286 -11.02 -11.10 -20.39
CA SER A 286 -12.42 -11.54 -20.34
C SER A 286 -13.27 -10.81 -19.28
N GLY A 287 -12.70 -10.55 -18.10
CA GLY A 287 -13.39 -9.73 -17.08
C GLY A 287 -13.90 -8.38 -17.56
N HIS A 288 -13.15 -7.66 -18.38
CA HIS A 288 -13.65 -6.40 -18.93
C HIS A 288 -14.92 -6.61 -19.78
N LYS A 289 -14.91 -7.65 -20.58
CA LYS A 289 -16.02 -7.95 -21.49
C LYS A 289 -17.24 -8.45 -20.74
N TYR A 290 -17.06 -9.32 -19.75
CA TYR A 290 -18.19 -10.07 -19.14
C TYR A 290 -18.47 -9.81 -17.68
N GLY A 291 -17.70 -8.94 -17.06
CA GLY A 291 -17.80 -8.75 -15.61
C GLY A 291 -17.04 -9.79 -14.79
N PRO A 292 -16.72 -9.48 -13.53
CA PRO A 292 -15.88 -10.39 -12.74
C PRO A 292 -16.46 -11.79 -12.61
N PHE A 293 -17.80 -11.92 -12.58
CA PHE A 293 -18.38 -13.25 -12.40
C PHE A 293 -19.32 -13.69 -13.54
N GLY A 294 -19.15 -13.09 -14.71
CA GLY A 294 -19.92 -13.51 -15.88
C GLY A 294 -19.75 -15.01 -16.11
N PRO A 295 -20.82 -15.71 -16.58
CA PRO A 295 -20.63 -17.16 -16.86
C PRO A 295 -19.50 -17.47 -17.83
N GLU A 296 -19.13 -16.52 -18.68
CA GLU A 296 -18.02 -16.70 -19.63
C GLU A 296 -16.66 -16.70 -18.91
N MET A 297 -16.65 -16.44 -17.61
CA MET A 297 -15.37 -16.35 -16.82
C MET A 297 -14.80 -17.70 -16.41
N THR A 298 -15.64 -18.73 -16.45
CA THR A 298 -15.23 -20.06 -16.00
C THR A 298 -14.11 -20.58 -16.89
N ASN A 299 -14.28 -20.45 -18.20
CA ASN A 299 -13.28 -20.93 -19.17
C ASN A 299 -11.87 -20.31 -19.05
N PRO A 300 -11.76 -18.96 -18.98
CA PRO A 300 -10.44 -18.36 -18.71
C PRO A 300 -9.80 -18.86 -17.42
N LEU A 301 -10.58 -19.10 -16.35
CA LEU A 301 -10.00 -19.65 -15.09
C LEU A 301 -9.47 -21.06 -15.27
N ARG A 302 -10.25 -21.89 -15.97
CA ARG A 302 -9.79 -23.24 -16.37
C ARG A 302 -8.51 -23.21 -17.19
N GLU A 303 -8.44 -22.33 -18.18
CA GLU A 303 -7.28 -22.22 -19.03
C GLU A 303 -6.03 -21.76 -18.24
N ILE A 304 -6.18 -20.79 -17.34
CA ILE A 304 -5.07 -20.44 -16.42
C ILE A 304 -4.61 -21.65 -15.60
N ASP A 305 -5.54 -22.37 -15.01
CA ASP A 305 -5.16 -23.54 -14.23
C ASP A 305 -4.39 -24.59 -15.04
N LYS A 306 -4.81 -24.81 -16.28
CA LYS A 306 -4.14 -25.76 -17.14
C LYS A 306 -2.70 -25.28 -17.43
N THR A 307 -2.54 -23.98 -17.61
CA THR A 307 -1.20 -23.41 -17.77
C THR A 307 -0.32 -23.66 -16.54
N VAL A 308 -0.89 -23.46 -15.34
CA VAL A 308 -0.14 -23.72 -14.10
C VAL A 308 0.24 -25.20 -14.09
N GLY A 309 -0.71 -26.06 -14.44
CA GLY A 309 -0.50 -27.50 -14.54
C GLY A 309 0.65 -27.90 -15.48
N GLN A 310 0.71 -27.27 -16.65
CA GLN A 310 1.77 -27.49 -17.63
C GLN A 310 3.14 -27.09 -17.03
N LEU A 311 3.19 -25.92 -16.39
CA LEU A 311 4.40 -25.53 -15.63
C LEU A 311 4.84 -26.56 -14.60
N MET A 312 3.93 -26.98 -13.72
CA MET A 312 4.29 -27.91 -12.64
C MET A 312 4.67 -29.28 -13.17
N ASP A 313 3.98 -29.75 -14.21
CA ASP A 313 4.34 -31.04 -14.81
C ASP A 313 5.72 -30.93 -15.44
N GLY A 314 5.96 -29.80 -16.09
CA GLY A 314 7.22 -29.51 -16.72
C GLY A 314 8.38 -29.46 -15.71
N LEU A 315 8.15 -28.79 -14.57
CA LEU A 315 9.13 -28.77 -13.49
C LEU A 315 9.37 -30.19 -12.97
N LYS A 316 8.28 -30.94 -12.75
CA LYS A 316 8.41 -32.29 -12.22
C LYS A 316 9.29 -33.19 -13.12
N GLN A 317 9.05 -33.17 -14.45
CA GLN A 317 9.90 -33.83 -15.47
C GLN A 317 11.36 -33.44 -15.35
N LEU A 318 11.63 -32.17 -15.09
CA LEU A 318 13.01 -31.74 -14.94
C LEU A 318 13.57 -31.99 -13.52
N ARG A 319 12.78 -32.66 -12.66
CA ARG A 319 13.09 -32.88 -11.23
C ARG A 319 13.35 -31.55 -10.51
N LEU A 320 12.56 -30.54 -10.85
CA LEU A 320 12.71 -29.20 -10.28
C LEU A 320 11.48 -28.79 -9.43
N HIS A 321 10.50 -29.69 -9.32
CA HIS A 321 9.25 -29.35 -8.68
C HIS A 321 9.34 -29.22 -7.17
N ARG A 322 10.45 -29.68 -6.58
CA ARG A 322 10.69 -29.48 -5.14
C ARG A 322 11.97 -28.64 -4.98
N CYS A 323 12.30 -27.90 -6.01
CA CYS A 323 13.51 -27.08 -6.00
C CYS A 323 13.12 -25.61 -6.25
N VAL A 324 12.15 -25.35 -7.13
CA VAL A 324 11.80 -23.97 -7.49
C VAL A 324 10.81 -23.35 -6.46
N ASN A 325 11.00 -22.07 -6.14
CA ASN A 325 9.95 -21.32 -5.44
C ASN A 325 9.04 -20.68 -6.48
N VAL A 326 7.75 -20.94 -6.34
CA VAL A 326 6.75 -20.43 -7.30
C VAL A 326 5.87 -19.42 -6.56
N ILE A 327 5.73 -18.24 -7.16
CA ILE A 327 4.78 -17.22 -6.65
C ILE A 327 3.64 -17.08 -7.66
N PHE A 328 2.41 -17.28 -7.18
CA PHE A 328 1.21 -17.07 -7.96
C PHE A 328 0.60 -15.76 -7.42
N VAL A 329 0.60 -14.73 -8.27
CA VAL A 329 0.27 -13.39 -7.77
C VAL A 329 -0.52 -12.62 -8.82
N GLY A 330 -1.46 -11.81 -8.35
CA GLY A 330 -2.24 -10.95 -9.22
C GLY A 330 -1.87 -9.49 -9.12
N ASP A 331 -2.25 -8.70 -10.12
CA ASP A 331 -1.96 -7.28 -10.07
C ASP A 331 -3.11 -6.47 -9.43
N HIS A 332 -4.36 -6.89 -9.65
CA HIS A 332 -5.57 -6.17 -9.11
C HIS A 332 -6.76 -7.09 -9.38
N GLY A 333 -7.90 -6.77 -8.80
CA GLY A 333 -9.14 -7.53 -9.08
C GLY A 333 -9.95 -6.88 -10.22
N MET A 334 -11.27 -7.00 -10.14
CA MET A 334 -12.23 -6.59 -11.22
C MET A 334 -13.59 -6.40 -10.57
N GLU A 335 -14.25 -5.30 -10.96
CA GLU A 335 -15.56 -4.89 -10.46
C GLU A 335 -16.55 -4.82 -11.63
N ASP A 336 -17.83 -4.95 -11.32
CA ASP A 336 -18.94 -4.70 -12.28
C ASP A 336 -19.05 -3.20 -12.57
N VAL A 337 -18.85 -2.83 -13.83
CA VAL A 337 -18.95 -1.45 -14.24
C VAL A 337 -19.54 -1.49 -15.65
N THR A 338 -20.64 -0.76 -15.86
CA THR A 338 -21.26 -0.62 -17.18
C THR A 338 -21.41 0.86 -17.64
N CYS A 339 -21.71 1.04 -18.93
CA CYS A 339 -21.91 2.35 -19.58
C CYS A 339 -22.88 3.27 -18.88
N ASP A 340 -24.01 2.73 -18.43
CA ASP A 340 -25.02 3.55 -17.78
C ASP A 340 -24.50 4.16 -16.47
N ARG A 341 -23.50 3.51 -15.84
CA ARG A 341 -22.95 4.06 -14.59
C ARG A 341 -21.77 4.96 -14.90
N THR A 342 -22.08 6.09 -15.52
CA THR A 342 -21.10 7.11 -15.88
C THR A 342 -21.63 8.45 -15.45
N GLU A 343 -20.84 9.16 -14.67
CA GLU A 343 -21.02 10.56 -14.35
C GLU A 343 -20.31 11.38 -15.42
N PHE A 344 -20.94 12.46 -15.89
CA PHE A 344 -20.37 13.33 -16.91
C PHE A 344 -19.99 14.70 -16.38
N LEU A 345 -18.74 15.10 -16.55
CA LEU A 345 -18.36 16.41 -16.07
C LEU A 345 -19.18 17.54 -16.76
N SER A 346 -19.73 17.24 -17.93
CA SER A 346 -20.50 18.22 -18.68
C SER A 346 -21.80 18.55 -17.91
N ASN A 347 -22.21 17.66 -17.00
CA ASN A 347 -23.32 17.95 -16.09
C ASN A 347 -23.05 18.87 -14.89
N TYR A 348 -21.78 19.27 -14.71
CA TYR A 348 -21.33 20.06 -13.56
C TYR A 348 -20.59 21.28 -14.03
N LEU A 349 -19.89 21.18 -15.14
CA LEU A 349 -19.00 22.26 -15.53
C LEU A 349 -19.51 22.98 -16.77
N THR A 350 -19.46 24.29 -16.76
CA THR A 350 -19.89 25.05 -17.94
C THR A 350 -18.70 25.15 -18.93
N ASN A 351 -17.50 25.30 -18.40
CA ASN A 351 -16.21 25.37 -19.15
C ASN A 351 -15.59 24.01 -19.58
N VAL A 352 -16.40 22.98 -19.80
CA VAL A 352 -15.87 21.59 -20.00
C VAL A 352 -14.76 21.43 -21.06
N ASP A 353 -14.76 22.27 -22.11
CA ASP A 353 -13.74 22.20 -23.18
C ASP A 353 -12.40 22.86 -22.84
N ASP A 354 -12.33 23.55 -21.71
CA ASP A 354 -11.07 24.12 -21.24
C ASP A 354 -10.29 23.14 -20.35
N ILE A 355 -10.82 21.92 -20.16
CA ILE A 355 -10.11 20.89 -19.37
C ILE A 355 -9.86 19.62 -20.14
N THR A 356 -8.83 18.92 -19.69
CA THR A 356 -8.43 17.58 -20.15
C THR A 356 -8.74 16.71 -18.94
N LEU A 357 -9.48 15.63 -19.18
CA LEU A 357 -9.72 14.59 -18.19
C LEU A 357 -9.05 13.28 -18.59
N VAL A 358 -8.22 12.75 -17.69
CA VAL A 358 -7.89 11.32 -17.73
C VAL A 358 -9.07 10.60 -17.09
N PRO A 359 -9.86 9.79 -17.86
CA PRO A 359 -11.16 9.32 -17.43
C PRO A 359 -11.21 7.88 -16.89
N GLY A 360 -12.38 7.46 -16.41
CA GLY A 360 -12.68 6.05 -16.21
C GLY A 360 -12.95 5.83 -14.75
N THR A 361 -12.18 4.93 -14.14
CA THR A 361 -12.42 4.48 -12.74
C THR A 361 -11.67 5.40 -11.75
N LEU A 362 -10.99 6.41 -12.29
CA LEU A 362 -10.46 7.56 -11.53
C LEU A 362 -10.48 8.73 -12.49
N GLY A 363 -10.41 9.94 -11.96
CA GLY A 363 -10.26 11.09 -12.83
C GLY A 363 -9.06 11.89 -12.48
N ARG A 364 -8.39 12.42 -13.49
CA ARG A 364 -7.29 13.36 -13.27
C ARG A 364 -7.57 14.52 -14.24
N ILE A 365 -7.67 15.72 -13.67
CA ILE A 365 -7.99 16.93 -14.49
C ILE A 365 -6.81 17.91 -14.58
N ARG A 366 -6.51 18.42 -15.78
CA ARG A 366 -5.67 19.58 -15.89
C ARG A 366 -6.23 20.52 -16.97
N ALA A 367 -5.61 21.69 -17.14
CA ALA A 367 -6.03 22.66 -18.16
C ALA A 367 -5.70 22.09 -19.54
N LYS A 368 -6.65 22.22 -20.46
CA LYS A 368 -6.40 21.90 -21.86
C LYS A 368 -5.23 22.76 -22.42
N SER A 369 -5.14 24.03 -22.04
CA SER A 369 -4.04 24.89 -22.50
C SER A 369 -3.34 25.64 -21.36
N ILE A 370 -2.00 25.49 -21.25
CA ILE A 370 -1.22 26.24 -20.21
C ILE A 370 -1.24 27.77 -20.42
N ASN A 371 -1.65 28.21 -21.63
CA ASN A 371 -1.85 29.63 -21.95
C ASN A 371 -3.19 30.19 -21.45
N ASN A 372 -4.08 29.35 -20.93
CA ASN A 372 -5.36 29.79 -20.34
C ASN A 372 -5.18 30.37 -18.93
N SER A 373 -5.15 31.70 -18.85
CA SER A 373 -4.93 32.38 -17.55
C SER A 373 -6.19 32.42 -16.65
N LYS A 374 -7.36 32.14 -17.23
CA LYS A 374 -8.61 32.10 -16.46
C LYS A 374 -9.01 30.72 -15.92
N TYR A 375 -8.21 29.68 -16.26
CA TYR A 375 -8.35 28.35 -15.65
C TYR A 375 -8.00 28.44 -14.14
N ASP A 376 -8.97 28.02 -13.31
CA ASP A 376 -8.87 28.11 -11.85
C ASP A 376 -9.28 26.76 -11.24
N PRO A 377 -8.29 26.00 -10.69
CA PRO A 377 -8.63 24.70 -10.09
C PRO A 377 -9.63 24.79 -8.90
N LYS A 378 -9.55 25.87 -8.14
CA LYS A 378 -10.43 26.12 -6.99
C LYS A 378 -11.89 26.15 -7.38
N THR A 379 -12.21 26.90 -8.45
CA THR A 379 -13.60 26.91 -8.97
C THR A 379 -14.03 25.59 -9.65
N ILE A 380 -13.10 24.86 -10.28
CA ILE A 380 -13.45 23.54 -10.82
C ILE A 380 -13.85 22.60 -9.65
N ILE A 381 -13.01 22.53 -8.61
CA ILE A 381 -13.29 21.71 -7.40
C ILE A 381 -14.65 22.08 -6.80
N ALA A 382 -14.88 23.38 -6.57
CA ALA A 382 -16.18 23.83 -6.01
C ALA A 382 -17.38 23.42 -6.88
N ALA A 383 -17.25 23.55 -8.20
CA ALA A 383 -18.34 23.14 -9.12
C ALA A 383 -18.59 21.61 -9.13
N LEU A 384 -17.58 20.84 -8.67
CA LEU A 384 -17.70 19.38 -8.64
C LEU A 384 -18.02 18.82 -7.25
N THR A 385 -18.18 19.71 -6.25
CA THR A 385 -18.39 19.27 -4.85
C THR A 385 -19.84 19.18 -4.39
N CYS A 386 -20.24 17.96 -4.01
CA CYS A 386 -21.53 17.66 -3.38
C CYS A 386 -22.75 18.27 -4.11
N LYS A 387 -22.70 18.23 -5.44
CA LYS A 387 -23.69 18.93 -6.27
C LYS A 387 -24.93 18.11 -6.59
N LYS A 388 -24.79 16.78 -6.57
CA LYS A 388 -25.93 15.87 -6.82
C LYS A 388 -26.13 14.96 -5.61
N PRO A 389 -27.40 14.62 -5.27
CA PRO A 389 -27.63 13.89 -4.02
C PRO A 389 -26.86 12.57 -3.88
N ASP A 390 -26.68 11.82 -4.96
CA ASP A 390 -25.94 10.55 -4.82
C ASP A 390 -24.69 10.52 -5.67
N GLN A 391 -24.05 11.69 -5.78
CA GLN A 391 -22.88 11.92 -6.65
C GLN A 391 -21.90 10.75 -6.55
N HIS A 392 -21.50 10.16 -7.66
CA HIS A 392 -20.68 8.94 -7.56
C HIS A 392 -19.15 9.14 -7.76
N PHE A 393 -18.71 10.36 -7.48
CA PHE A 393 -17.27 10.64 -7.44
C PHE A 393 -17.09 11.83 -6.48
N LYS A 394 -15.87 11.97 -5.99
CA LYS A 394 -15.53 13.08 -5.09
C LYS A 394 -14.26 13.78 -5.57
N PRO A 395 -14.33 15.11 -5.76
CA PRO A 395 -13.11 15.78 -6.18
C PRO A 395 -12.13 16.04 -5.02
N TYR A 396 -10.83 16.06 -5.35
CA TYR A 396 -9.80 16.37 -4.39
C TYR A 396 -8.65 17.13 -5.04
N MET A 397 -8.08 18.08 -4.31
CA MET A 397 -6.72 18.47 -4.62
CA MET A 397 -6.71 18.48 -4.59
C MET A 397 -5.89 17.24 -4.22
N LYS A 398 -4.88 16.88 -5.01
CA LYS A 398 -4.18 15.59 -4.77
C LYS A 398 -3.58 15.51 -3.36
N GLN A 399 -3.16 16.66 -2.82
CA GLN A 399 -2.60 16.67 -1.44
C GLN A 399 -3.65 16.36 -0.36
N HIS A 400 -4.93 16.42 -0.72
CA HIS A 400 -5.97 16.10 0.23
C HIS A 400 -6.50 14.69 0.13
N LEU A 401 -6.02 13.93 -0.87
CA LEU A 401 -6.35 12.49 -0.93
C LEU A 401 -5.90 11.81 0.37
N PRO A 402 -6.66 10.80 0.84
CA PRO A 402 -6.22 9.94 1.98
C PRO A 402 -4.75 9.58 1.82
N LYS A 403 -4.02 9.77 2.90
CA LYS A 403 -2.59 9.55 2.89
C LYS A 403 -2.23 8.13 2.61
N ARG A 404 -3.14 7.20 2.94
CA ARG A 404 -2.88 5.77 2.70
C ARG A 404 -2.70 5.41 1.21
N LEU A 405 -3.20 6.28 0.29
CA LEU A 405 -3.07 6.08 -1.15
C LEU A 405 -1.69 6.44 -1.65
N HIS A 406 -0.95 7.26 -0.91
CA HIS A 406 0.41 7.72 -1.30
C HIS A 406 0.42 8.18 -2.79
N TYR A 407 -0.56 9.00 -3.15
CA TYR A 407 -0.74 9.36 -4.54
C TYR A 407 -0.74 10.86 -4.79
N ALA A 408 0.43 11.50 -4.64
CA ALA A 408 0.52 12.93 -4.86
C ALA A 408 1.88 13.42 -5.32
N ASN A 409 2.96 12.80 -4.82
CA ASN A 409 4.30 13.33 -4.99
C ASN A 409 4.94 12.91 -6.35
N ASN A 410 4.31 13.32 -7.42
CA ASN A 410 4.84 13.10 -8.77
C ASN A 410 4.22 14.13 -9.69
N ARG A 411 5.08 14.80 -10.47
CA ARG A 411 4.62 15.81 -11.50
C ARG A 411 3.69 15.19 -12.53
N ARG A 412 3.66 13.85 -12.60
CA ARG A 412 2.76 13.18 -13.55
C ARG A 412 1.35 13.04 -13.02
N ILE A 413 1.14 13.34 -11.73
CA ILE A 413 -0.20 13.21 -11.13
C ILE A 413 -0.76 14.64 -11.13
N GLU A 414 -1.89 14.82 -11.85
CA GLU A 414 -2.55 16.14 -11.92
C GLU A 414 -3.02 16.65 -10.56
N ASP A 415 -3.01 17.97 -10.38
CA ASP A 415 -3.42 18.57 -9.10
C ASP A 415 -4.84 18.19 -8.71
N ILE A 416 -5.73 18.09 -9.68
CA ILE A 416 -7.12 17.75 -9.39
C ILE A 416 -7.35 16.27 -9.67
N HIS A 417 -7.91 15.58 -8.67
CA HIS A 417 -8.18 14.15 -8.75
C HIS A 417 -9.60 13.87 -8.44
N LEU A 418 -10.18 12.88 -9.13
CA LEU A 418 -11.51 12.45 -8.77
C LEU A 418 -11.45 11.02 -8.27
N LEU A 419 -11.87 10.79 -7.05
CA LEU A 419 -12.02 9.41 -6.56
C LEU A 419 -13.41 8.99 -6.91
N VAL A 420 -13.50 7.91 -7.68
CA VAL A 420 -14.74 7.44 -8.27
C VAL A 420 -15.29 6.29 -7.43
N ASP A 421 -16.59 6.28 -7.18
CA ASP A 421 -17.19 5.19 -6.45
C ASP A 421 -17.05 3.88 -7.18
N ARG A 422 -16.94 2.79 -6.42
CA ARG A 422 -16.85 1.48 -7.07
C ARG A 422 -18.10 1.30 -7.92
N ARG A 423 -17.92 0.62 -9.04
CA ARG A 423 -19.00 0.31 -9.99
C ARG A 423 -19.28 1.43 -10.99
N TRP A 424 -18.59 2.57 -10.85
CA TRP A 424 -18.82 3.77 -11.67
C TRP A 424 -17.66 4.22 -12.53
N HIS A 425 -17.97 5.03 -13.56
CA HIS A 425 -16.98 5.70 -14.39
C HIS A 425 -17.24 7.20 -14.31
N VAL A 426 -16.19 7.99 -14.53
CA VAL A 426 -16.31 9.40 -14.81
C VAL A 426 -15.82 9.64 -16.25
N ALA A 427 -16.56 10.52 -16.97
CA ALA A 427 -16.17 10.91 -18.33
C ALA A 427 -16.41 12.42 -18.49
N ARG A 428 -15.84 13.01 -19.50
CA ARG A 428 -15.94 14.46 -19.69
C ARG A 428 -17.33 14.86 -20.27
N LYS A 429 -17.77 14.14 -21.31
CA LYS A 429 -19.02 14.43 -22.09
CA LYS A 429 -19.08 14.40 -21.94
C LYS A 429 -19.68 13.12 -22.52
N PRO A 430 -21.05 13.09 -22.67
CA PRO A 430 -21.66 11.84 -23.16
C PRO A 430 -21.08 11.25 -24.45
N LEU A 431 -20.62 12.10 -25.38
CA LEU A 431 -20.07 11.64 -26.65
C LEU A 431 -18.90 10.67 -26.47
N ASP A 432 -18.03 10.96 -25.49
CA ASP A 432 -16.86 10.10 -25.12
C ASP A 432 -17.17 8.62 -24.85
N VAL A 433 -18.34 8.36 -24.26
CA VAL A 433 -18.76 7.01 -23.90
C VAL A 433 -19.38 6.23 -25.07
N TYR A 434 -20.28 6.84 -25.86
CA TYR A 434 -20.86 6.17 -27.04
C TYR A 434 -20.09 6.33 -28.38
N LYS A 435 -19.08 7.21 -28.43
CA LYS A 435 -18.12 7.30 -29.57
C LYS A 435 -16.69 6.87 -29.12
N LYS A 436 -16.45 5.54 -29.09
CA LYS A 436 -15.17 4.95 -28.64
C LYS A 436 -14.84 3.66 -29.42
N CYS A 441 -23.66 -2.00 -24.95
CA CYS A 441 -22.43 -1.35 -24.53
C CYS A 441 -21.29 -2.32 -24.27
N PHE A 442 -20.08 -1.85 -24.55
CA PHE A 442 -18.91 -2.69 -24.76
C PHE A 442 -18.52 -3.57 -23.55
N PHE A 443 -18.38 -2.93 -22.39
CA PHE A 443 -17.69 -3.56 -21.23
C PHE A 443 -18.65 -3.84 -20.08
N GLN A 444 -18.37 -4.86 -19.28
CA GLN A 444 -19.13 -5.11 -18.07
C GLN A 444 -18.24 -5.11 -16.81
N GLY A 445 -16.92 -4.99 -16.99
CA GLY A 445 -16.02 -5.00 -15.81
C GLY A 445 -14.96 -3.93 -15.96
N ASP A 446 -14.50 -3.34 -14.84
CA ASP A 446 -13.32 -2.49 -14.89
C ASP A 446 -12.66 -2.44 -13.50
N HIS A 447 -11.55 -1.73 -13.37
CA HIS A 447 -10.82 -1.67 -12.10
C HIS A 447 -10.03 -0.38 -12.13
N GLY A 448 -9.41 0.01 -11.02
CA GLY A 448 -8.76 1.30 -11.01
C GLY A 448 -9.10 2.03 -9.74
N PHE A 449 -10.18 1.63 -9.08
CA PHE A 449 -10.71 2.26 -7.85
C PHE A 449 -9.72 2.20 -6.69
N ASP A 450 -10.05 3.00 -5.68
CA ASP A 450 -9.43 2.96 -4.33
C ASP A 450 -8.96 1.53 -3.94
N ASN A 451 -7.70 1.41 -3.52
CA ASN A 451 -7.16 0.05 -3.31
C ASN A 451 -7.66 -0.66 -2.06
N LYS A 452 -8.50 0.00 -1.27
CA LYS A 452 -9.17 -0.67 -0.12
C LYS A 452 -10.44 -1.44 -0.56
N VAL A 453 -10.91 -1.18 -1.76
CA VAL A 453 -12.21 -1.75 -2.25
C VAL A 453 -12.10 -3.25 -2.40
N ASN A 454 -13.04 -4.01 -1.81
CA ASN A 454 -12.95 -5.46 -1.80
C ASN A 454 -12.80 -6.06 -3.18
N SER A 455 -13.53 -5.54 -4.18
CA SER A 455 -13.46 -6.11 -5.55
C SER A 455 -12.08 -5.91 -6.22
N MET A 456 -11.29 -4.95 -5.71
CA MET A 456 -9.95 -4.70 -6.27
C MET A 456 -8.86 -5.62 -5.68
N GLN A 457 -9.18 -6.30 -4.59
CA GLN A 457 -8.22 -7.23 -3.97
C GLN A 457 -7.79 -8.35 -4.93
N THR A 458 -6.55 -8.78 -4.76
CA THR A 458 -6.00 -9.80 -5.62
C THR A 458 -5.38 -10.93 -4.77
N VAL A 459 -4.54 -11.74 -5.40
CA VAL A 459 -4.15 -13.01 -4.80
C VAL A 459 -2.67 -13.07 -4.51
N PHE A 460 -2.33 -13.90 -3.55
CA PHE A 460 -0.92 -14.28 -3.33
C PHE A 460 -0.85 -15.73 -2.83
N VAL A 461 -0.05 -16.55 -3.53
CA VAL A 461 0.31 -17.87 -3.05
C VAL A 461 1.83 -18.04 -3.26
N GLY A 462 2.51 -18.56 -2.25
CA GLY A 462 3.93 -18.93 -2.45
C GLY A 462 4.09 -20.43 -2.15
N TYR A 463 4.83 -21.10 -3.02
CA TYR A 463 4.99 -22.53 -2.92
C TYR A 463 6.42 -22.90 -3.23
N GLY A 464 7.04 -23.64 -2.33
CA GLY A 464 8.40 -24.09 -2.59
C GLY A 464 9.17 -24.27 -1.29
N PRO A 465 10.45 -24.63 -1.40
CA PRO A 465 11.29 -24.96 -0.24
C PRO A 465 11.44 -23.76 0.71
N THR A 466 11.41 -22.54 0.19
CA THR A 466 11.68 -21.37 1.06
C THR A 466 10.41 -20.84 1.70
N PHE A 467 9.24 -21.21 1.16
CA PHE A 467 7.96 -20.85 1.77
C PHE A 467 7.52 -21.89 2.81
N LYS A 468 6.67 -21.45 3.72
CA LYS A 468 6.08 -22.36 4.70
CA LYS A 468 6.07 -22.34 4.72
C LYS A 468 5.12 -23.36 4.09
N TYR A 469 4.88 -24.43 4.83
CA TYR A 469 4.04 -25.53 4.38
C TYR A 469 2.64 -25.37 4.96
N ARG A 470 1.61 -25.51 4.12
CA ARG A 470 0.19 -25.45 4.55
C ARG A 470 -0.09 -24.31 5.50
N THR A 471 0.31 -23.08 5.14
CA THR A 471 0.22 -21.99 6.09
C THR A 471 -0.61 -20.84 5.48
N LYS A 472 -1.50 -20.28 6.27
CA LYS A 472 -2.24 -19.11 5.86
C LYS A 472 -1.61 -17.94 6.60
N VAL A 473 -1.44 -16.83 5.89
CA VAL A 473 -0.91 -15.61 6.48
C VAL A 473 -1.95 -14.50 6.36
N PRO A 474 -1.85 -13.47 7.20
CA PRO A 474 -2.87 -12.40 7.05
C PRO A 474 -2.67 -11.63 5.71
N PRO A 475 -3.70 -10.89 5.25
CA PRO A 475 -3.57 -10.09 4.02
C PRO A 475 -2.45 -9.08 4.20
N PHE A 476 -1.80 -8.70 3.11
CA PHE A 476 -0.69 -7.74 3.19
C PHE A 476 -0.68 -6.99 1.86
N GLU A 477 0.15 -5.97 1.75
CA GLU A 477 0.20 -5.11 0.57
C GLU A 477 1.24 -5.53 -0.42
N ASN A 478 0.94 -5.37 -1.71
CA ASN A 478 1.89 -5.80 -2.71
C ASN A 478 3.26 -5.08 -2.71
N ILE A 479 3.32 -3.87 -2.15
CA ILE A 479 4.64 -3.17 -1.96
C ILE A 479 5.63 -4.00 -1.14
N GLU A 480 5.12 -4.96 -0.35
CA GLU A 480 6.04 -5.78 0.51
C GLU A 480 6.75 -6.91 -0.22
N LEU A 481 6.25 -7.28 -1.42
CA LEU A 481 6.78 -8.50 -2.08
C LEU A 481 8.20 -8.40 -2.64
N TYR A 482 8.58 -7.23 -3.18
CA TYR A 482 9.93 -7.05 -3.74
C TYR A 482 11.00 -7.50 -2.69
N ASN A 483 10.87 -7.04 -1.44
CA ASN A 483 11.83 -7.42 -0.37
C ASN A 483 11.86 -8.97 -0.25
N VAL A 484 10.68 -9.61 -0.24
CA VAL A 484 10.62 -11.06 -0.07
C VAL A 484 11.24 -11.78 -1.28
N MET A 485 10.96 -11.29 -2.50
CA MET A 485 11.58 -11.87 -3.68
C MET A 485 13.12 -11.73 -3.64
N CYS A 486 13.58 -10.61 -3.12
CA CYS A 486 15.01 -10.38 -2.88
C CYS A 486 15.52 -11.41 -1.87
N ASP A 487 14.80 -11.61 -0.76
CA ASP A 487 15.18 -12.63 0.24
C ASP A 487 15.30 -14.02 -0.39
N LEU A 488 14.32 -14.34 -1.24
CA LEU A 488 14.27 -15.66 -1.91
C LEU A 488 15.48 -15.91 -2.79
N LEU A 489 16.11 -14.83 -3.26
CA LEU A 489 17.18 -14.94 -4.22
C LEU A 489 18.53 -14.63 -3.61
N GLY A 490 18.53 -14.30 -2.32
CA GLY A 490 19.74 -13.83 -1.61
C GLY A 490 20.25 -12.48 -2.09
N LEU A 491 19.35 -11.59 -2.54
CA LEU A 491 19.71 -10.24 -3.02
C LEU A 491 19.48 -9.19 -1.96
N LYS A 492 20.30 -8.14 -1.96
CA LYS A 492 20.02 -6.98 -1.12
C LYS A 492 19.02 -6.07 -1.91
N PRO A 493 17.83 -5.81 -1.34
CA PRO A 493 16.84 -4.96 -2.09
C PRO A 493 17.31 -3.50 -2.24
N ALA A 494 17.03 -2.87 -3.38
CA ALA A 494 17.15 -1.41 -3.51
C ALA A 494 16.20 -0.74 -2.50
N PRO A 495 16.49 0.53 -2.10
CA PRO A 495 15.58 1.25 -1.19
C PRO A 495 14.13 1.29 -1.74
N ASN A 496 13.18 0.89 -0.90
CA ASN A 496 11.79 0.75 -1.38
C ASN A 496 10.79 1.01 -0.23
N ASN A 497 9.50 0.85 -0.51
CA ASN A 497 8.43 1.24 0.44
C ASN A 497 7.93 0.05 1.25
N GLY A 498 8.39 -1.16 0.92
CA GLY A 498 8.12 -2.33 1.81
C GLY A 498 8.79 -2.08 3.19
N THR A 499 8.41 -2.87 4.18
CA THR A 499 9.01 -2.78 5.50
C THR A 499 9.63 -4.16 5.66
N HIS A 500 10.94 -4.23 5.52
CA HIS A 500 11.65 -5.51 5.31
C HIS A 500 11.70 -6.22 6.64
N GLY A 501 11.16 -7.43 6.63
CA GLY A 501 10.90 -8.17 7.84
C GLY A 501 9.41 -8.36 8.14
N SER A 502 8.55 -7.46 7.67
CA SER A 502 7.14 -7.55 7.99
C SER A 502 6.50 -8.81 7.35
N LEU A 503 7.15 -9.41 6.31
CA LEU A 503 6.68 -10.68 5.72
C LEU A 503 7.53 -11.90 6.08
N ASN A 504 8.30 -11.79 7.16
CA ASN A 504 9.11 -12.97 7.57
C ASN A 504 8.30 -14.21 7.87
N HIS A 505 7.10 -14.03 8.37
CA HIS A 505 6.20 -15.14 8.67
C HIS A 505 5.70 -15.94 7.45
N LEU A 506 6.01 -15.50 6.24
CA LEU A 506 5.72 -16.29 5.03
C LEU A 506 6.77 -17.37 4.78
N LEU A 507 7.94 -17.24 5.42
CA LEU A 507 9.12 -17.95 4.97
C LEU A 507 9.62 -18.96 6.01
N ARG A 508 10.05 -20.11 5.47
CA ARG A 508 10.63 -21.18 6.26
C ARG A 508 12.02 -20.78 6.68
N THR A 509 12.76 -20.13 5.79
CA THR A 509 14.16 -19.74 6.01
C THR A 509 14.48 -18.48 5.19
N ASN A 510 15.73 -17.99 5.20
CA ASN A 510 16.13 -16.73 4.46
C ASN A 510 15.39 -15.49 5.01
N THR A 511 14.92 -15.58 6.25
CA THR A 511 14.21 -14.45 6.86
C THR A 511 15.22 -13.29 7.02
N PHE A 512 14.72 -12.08 7.07
CA PHE A 512 15.63 -10.93 7.18
C PHE A 512 15.45 -10.38 8.56
N ARG A 513 16.53 -10.28 9.32
CA ARG A 513 16.37 -9.98 10.72
C ARG A 513 16.81 -8.56 11.03
N PRO A 514 15.90 -7.59 10.92
CA PRO A 514 16.38 -6.20 11.10
C PRO A 514 16.51 -5.81 12.56
N THR A 515 17.26 -4.74 12.81
CA THR A 515 17.40 -4.15 14.14
C THR A 515 16.54 -2.90 14.14
N MET A 516 16.00 -2.55 15.31
CA MET A 516 15.17 -1.32 15.43
C MET A 516 16.05 -0.12 15.09
N PRO A 517 15.52 0.88 14.39
CA PRO A 517 16.39 2.05 14.14
C PRO A 517 16.88 2.73 15.45
N ASP A 518 18.08 3.30 15.46
CA ASP A 518 18.62 3.93 16.69
C ASP A 518 17.92 5.26 16.93
N GLU A 519 17.57 5.56 18.18
CA GLU A 519 17.04 6.89 18.51
C GLU A 519 18.12 7.95 18.24
N VAL A 520 17.73 9.04 17.58
CA VAL A 520 18.67 10.11 17.24
C VAL A 520 18.66 11.21 18.31
N SER A 521 17.48 11.63 18.76
CA SER A 521 17.42 12.65 19.79
C SER A 521 16.95 12.08 21.11
N ARG A 522 17.70 12.30 22.17
CA ARG A 522 17.18 11.90 23.50
C ARG A 522 16.36 13.03 24.10
N PRO A 523 15.36 12.71 24.90
CA PRO A 523 14.55 13.82 25.43
C PRO A 523 15.19 14.49 26.64
N ASN A 524 14.78 15.72 26.94
CA ASN A 524 14.94 16.31 28.28
C ASN A 524 13.72 15.94 29.14
N TYR A 525 13.90 15.92 30.48
CA TYR A 525 12.83 15.67 31.42
C TYR A 525 12.79 16.88 32.37
N PRO A 526 12.16 18.00 31.93
CA PRO A 526 12.21 19.24 32.70
C PRO A 526 11.39 19.12 33.97
N GLY A 527 11.88 19.71 35.05
CA GLY A 527 11.08 19.83 36.25
C GLY A 527 10.50 21.26 36.30
N ILE A 528 9.98 21.63 37.47
CA ILE A 528 9.33 22.94 37.62
C ILE A 528 10.37 24.03 37.67
N MET A 529 10.39 24.91 36.67
CA MET A 529 11.48 25.90 36.54
C MET A 529 10.98 27.33 36.29
N TYR A 530 9.67 27.53 36.18
CA TYR A 530 9.13 28.85 35.86
C TYR A 530 8.00 29.22 36.78
N LEU A 531 7.96 30.49 37.14
CA LEU A 531 6.87 31.01 37.92
C LEU A 531 5.76 31.46 37.00
N GLN A 532 4.53 31.28 37.49
CA GLN A 532 3.30 31.65 36.79
C GLN A 532 3.43 33.04 36.15
N SER A 533 3.97 34.01 36.90
CA SER A 533 3.97 35.40 36.43
C SER A 533 4.98 35.68 35.30
N GLU A 534 5.89 34.73 35.00
CA GLU A 534 6.79 34.87 33.84
C GLU A 534 6.06 34.73 32.52
N PHE A 535 4.85 34.17 32.55
CA PHE A 535 4.10 33.93 31.30
C PHE A 535 3.18 35.09 30.98
N ASP A 536 3.40 35.69 29.82
CA ASP A 536 2.50 36.69 29.34
C ASP A 536 2.00 36.20 27.99
N LEU A 537 0.99 35.35 28.07
CA LEU A 537 0.55 34.59 26.95
C LEU A 537 -0.83 35.03 26.55
N GLY A 538 -1.49 35.86 27.38
CA GLY A 538 -2.86 36.34 27.08
C GLY A 538 -3.86 35.25 27.40
N CYS A 539 -3.37 34.25 28.12
CA CYS A 539 -4.18 33.09 28.55
C CYS A 539 -4.80 33.36 29.90
N THR A 540 -5.97 32.76 30.14
CA THR A 540 -6.62 32.87 31.45
C THR A 540 -7.19 31.52 31.82
N CYS A 541 -7.18 31.25 33.13
CA CYS A 541 -7.89 30.09 33.64
C CYS A 541 -8.40 30.34 35.05
N ASP A 542 -9.63 29.90 35.33
CA ASP A 542 -10.22 29.97 36.68
C ASP A 542 -9.74 28.76 37.53
N ASP A 543 -8.56 28.88 38.14
CA ASP A 543 -7.95 27.73 38.83
C ASP A 543 -7.24 27.99 40.18
N LYS A 544 -7.61 29.08 40.88
CA LYS A 544 -7.00 29.39 42.20
C LYS A 544 -7.49 28.54 43.41
N VAL A 545 -8.00 27.33 43.12
CA VAL A 545 -8.45 26.31 44.11
C VAL A 545 -7.30 25.89 45.06
N GLU A 546 -7.66 25.58 46.32
CA GLU A 546 -6.70 25.22 47.40
C GLU A 546 -5.83 23.98 47.14
N ASN A 549 -2.58 20.30 51.61
CA ASN A 549 -2.80 18.91 51.99
C ASN A 549 -1.63 18.05 51.54
N LYS A 550 -0.89 17.49 52.49
CA LYS A 550 0.31 16.69 52.17
C LYS A 550 0.10 15.23 51.70
N LEU A 551 -1.05 14.62 52.04
CA LEU A 551 -1.46 13.31 51.52
C LEU A 551 -1.54 13.36 49.96
N GLU A 552 -2.22 14.39 49.45
CA GLU A 552 -2.45 14.59 48.01
C GLU A 552 -1.37 15.41 47.27
N GLU A 553 -0.44 16.03 48.00
CA GLU A 553 0.63 16.84 47.37
C GLU A 553 1.86 16.05 46.96
N LEU A 554 2.22 15.03 47.76
CA LEU A 554 3.26 14.06 47.36
C LEU A 554 2.74 13.26 46.14
N ASN A 555 1.44 12.99 46.17
CA ASN A 555 0.72 12.29 45.11
C ASN A 555 0.82 12.95 43.73
N LYS A 556 0.47 14.24 43.64
CA LYS A 556 0.61 15.02 42.38
C LYS A 556 2.07 15.11 41.86
N ARG A 557 3.02 15.37 42.77
CA ARG A 557 4.48 15.34 42.44
C ARG A 557 4.95 14.02 41.85
N LEU A 558 4.51 12.90 42.43
CA LEU A 558 4.82 11.56 41.92
C LEU A 558 4.31 11.36 40.47
N HIS A 559 3.09 11.84 40.20
CA HIS A 559 2.48 11.76 38.86
C HIS A 559 3.27 12.60 37.84
N THR A 560 3.68 13.78 38.25
CA THR A 560 4.57 14.66 37.45
C THR A 560 5.98 14.05 37.27
N LYS A 561 6.42 13.18 38.18
CA LYS A 561 7.71 12.44 38.03
C LYS A 561 7.61 11.17 37.17
N GLY A 562 6.38 10.79 36.79
CA GLY A 562 6.17 9.64 35.92
C GLY A 562 5.66 8.37 36.57
N SER A 563 5.05 8.49 37.76
CA SER A 563 4.53 7.31 38.51
C SER A 563 3.43 6.46 37.80
N THR A 564 2.62 7.11 36.96
CA THR A 564 1.57 6.39 36.22
C THR A 564 2.01 6.06 34.77
N LYS A 565 3.27 6.33 34.42
CA LYS A 565 3.72 6.29 33.01
C LYS A 565 3.60 4.88 32.38
N GLU A 566 3.71 3.82 33.19
CA GLU A 566 3.60 2.45 32.71
C GLU A 566 2.18 2.06 32.35
N ARG A 567 1.20 2.76 32.92
CA ARG A 567 -0.21 2.64 32.54
C ARG A 567 -0.46 3.34 31.17
N HIS A 568 0.11 4.53 30.98
CA HIS A 568 -0.18 5.35 29.78
C HIS A 568 0.77 5.23 28.58
N LEU A 569 2.00 4.81 28.85
CA LEU A 569 2.96 4.42 27.84
C LEU A 569 3.21 2.91 27.83
N LEU A 570 2.29 2.16 27.24
CA LEU A 570 2.30 0.69 27.39
C LEU A 570 3.39 0.00 26.59
N TYR A 571 3.89 0.64 25.51
CA TYR A 571 4.84 -0.01 24.62
C TYR A 571 6.11 0.77 24.55
N GLY A 572 6.40 1.52 25.62
CA GLY A 572 7.58 2.39 25.70
C GLY A 572 7.32 3.73 25.03
N ARG A 573 8.20 4.71 25.26
CA ARG A 573 8.06 5.97 24.52
C ARG A 573 8.52 5.77 23.06
N PRO A 574 7.89 6.49 22.11
CA PRO A 574 8.33 6.44 20.72
C PRO A 574 9.75 6.94 20.63
N ALA A 575 10.52 6.41 19.71
CA ALA A 575 11.87 6.95 19.52
C ALA A 575 11.81 8.04 18.46
N VAL A 576 12.54 9.12 18.71
CA VAL A 576 12.67 10.23 17.77
C VAL A 576 13.87 9.99 16.83
N LEU A 577 13.61 9.82 15.53
CA LEU A 577 14.64 9.37 14.62
C LEU A 577 15.26 10.50 13.83
N TYR A 578 15.17 11.71 14.34
CA TYR A 578 15.84 12.83 13.65
C TYR A 578 16.34 13.77 14.75
N ARG A 579 17.16 14.74 14.38
CA ARG A 579 17.74 15.68 15.36
C ARG A 579 16.77 16.79 15.72
N THR A 580 16.48 16.92 17.00
CA THR A 580 15.55 17.99 17.42
C THR A 580 15.65 18.14 18.94
N SER A 581 14.95 19.12 19.52
CA SER A 581 14.95 19.33 20.98
C SER A 581 13.54 19.12 21.50
N TYR A 582 13.39 18.18 22.42
CA TYR A 582 12.10 17.91 22.94
C TYR A 582 12.14 17.44 24.40
N ASP A 583 10.99 17.54 25.04
CA ASP A 583 10.84 17.25 26.47
C ASP A 583 9.79 16.20 26.70
N ILE A 584 10.03 15.27 27.61
CA ILE A 584 8.98 14.38 28.08
C ILE A 584 8.25 15.07 29.20
N LEU A 585 6.94 15.09 29.13
CA LEU A 585 6.08 15.67 30.18
C LEU A 585 5.17 14.58 30.71
N TYR A 586 5.23 14.34 32.02
CA TYR A 586 4.38 13.34 32.67
C TYR A 586 3.19 13.98 33.31
N HIS A 587 2.07 13.26 33.34
CA HIS A 587 0.87 13.73 34.01
C HIS A 587 0.11 12.49 34.53
N THR A 588 -0.86 12.72 35.40
CA THR A 588 -1.70 11.61 35.92
C THR A 588 -2.29 10.76 34.81
N ASP A 589 -2.91 11.42 33.84
CA ASP A 589 -3.72 10.71 32.80
C ASP A 589 -3.01 10.49 31.41
N PHE A 590 -1.82 11.06 31.24
CA PHE A 590 -1.19 11.09 29.90
C PHE A 590 0.25 11.53 29.95
N GLU A 591 1.03 11.06 28.99
CA GLU A 591 2.45 11.42 28.86
C GLU A 591 2.65 11.98 27.46
N SER A 592 3.55 12.95 27.31
CA SER A 592 3.76 13.55 25.99
C SER A 592 5.23 13.83 25.73
N GLY A 593 5.60 13.88 24.45
CA GLY A 593 6.93 14.28 24.01
C GLY A 593 6.69 15.63 23.35
N TYR A 594 7.13 16.69 24.01
CA TYR A 594 6.79 18.07 23.63
C TYR A 594 7.95 18.72 22.84
N SER A 595 7.65 19.17 21.63
CA SER A 595 8.68 19.75 20.77
C SER A 595 8.88 21.26 21.08
N GLU A 596 10.12 21.63 21.42
CA GLU A 596 10.47 23.03 21.64
C GLU A 596 10.59 23.79 20.30
N ILE A 597 10.75 23.05 19.22
CA ILE A 597 10.84 23.63 17.91
C ILE A 597 9.43 23.92 17.35
N PHE A 598 8.52 22.95 17.43
CA PHE A 598 7.19 23.14 16.84
C PHE A 598 6.16 23.67 17.84
N LEU A 599 6.58 23.84 19.11
CA LEU A 599 5.77 24.37 20.21
C LEU A 599 4.49 23.53 20.51
N MET A 600 4.60 22.21 20.42
CA MET A 600 3.44 21.35 20.68
C MET A 600 3.99 19.93 20.77
N PRO A 601 3.20 18.99 21.28
CA PRO A 601 3.67 17.62 21.32
C PRO A 601 3.88 17.03 19.92
N LEU A 602 4.91 16.20 19.79
CA LEU A 602 5.07 15.31 18.64
C LEU A 602 4.13 14.13 18.85
N TRP A 603 3.85 13.81 20.12
CA TRP A 603 3.04 12.62 20.47
C TRP A 603 2.50 12.80 21.87
N THR A 604 1.33 12.24 22.10
CA THR A 604 0.66 12.25 23.41
C THR A 604 0.09 10.85 23.58
N SER A 605 0.37 10.23 24.72
CA SER A 605 0.01 8.82 24.91
C SER A 605 -0.84 8.70 26.19
N TYR A 606 -1.92 7.93 26.08
CA TYR A 606 -2.83 7.69 27.20
C TYR A 606 -3.64 6.41 27.03
N THR A 607 -3.97 5.80 28.17
CA THR A 607 -4.76 4.57 28.15
C THR A 607 -6.10 4.85 28.84
N ILE A 608 -7.16 4.31 28.25
CA ILE A 608 -8.57 4.45 28.65
C ILE A 608 -9.08 3.01 28.87
N SER A 609 -9.38 2.64 30.11
CA SER A 609 -9.85 1.28 30.38
C SER A 609 -11.32 1.13 29.94
N LYS A 610 -11.81 -0.11 29.87
CA LYS A 610 -13.22 -0.40 29.56
C LYS A 610 -14.21 0.35 30.47
N GLN A 611 -13.85 0.42 31.75
CA GLN A 611 -14.64 1.05 32.81
C GLN A 611 -14.61 2.59 32.84
N ALA A 612 -13.71 3.24 32.08
CA ALA A 612 -13.48 4.70 32.21
C ALA A 612 -14.76 5.49 31.96
N GLU A 613 -14.86 6.65 32.60
CA GLU A 613 -16.05 7.50 32.48
C GLU A 613 -15.73 8.79 31.71
N VAL A 614 -16.62 9.15 30.79
CA VAL A 614 -16.57 10.41 30.06
C VAL A 614 -17.20 11.45 30.97
N SER A 615 -16.48 12.55 31.18
CA SER A 615 -17.07 13.71 31.89
C SER A 615 -17.11 14.87 30.93
N SER A 616 -17.74 15.95 31.34
CA SER A 616 -17.76 17.16 30.53
C SER A 616 -16.67 18.14 30.98
N ILE A 617 -16.42 19.16 30.16
CA ILE A 617 -15.62 20.30 30.59
C ILE A 617 -16.51 21.17 31.51
N PRO A 618 -16.10 21.38 32.76
CA PRO A 618 -16.84 22.27 33.65
C PRO A 618 -16.90 23.70 33.11
N GLU A 619 -18.01 24.39 33.41
CA GLU A 619 -18.27 25.77 33.00
C GLU A 619 -17.12 26.70 33.28
N HIS A 620 -16.56 26.61 34.49
CA HIS A 620 -15.52 27.53 34.94
C HIS A 620 -14.22 27.35 34.13
N LEU A 621 -14.07 26.18 33.49
CA LEU A 621 -12.88 25.86 32.72
C LEU A 621 -13.02 25.99 31.19
N THR A 622 -14.15 26.54 30.71
CA THR A 622 -14.46 26.48 29.26
C THR A 622 -13.35 27.04 28.37
N ASN A 623 -12.86 28.22 28.68
CA ASN A 623 -11.78 28.84 27.89
C ASN A 623 -10.44 28.83 28.64
N CYS A 624 -10.31 27.88 29.57
CA CYS A 624 -9.11 27.76 30.39
C CYS A 624 -7.89 27.29 29.54
N VAL A 625 -6.78 28.03 29.62
CA VAL A 625 -5.50 27.52 29.14
C VAL A 625 -4.50 27.92 30.21
N ARG A 626 -3.73 26.95 30.72
CA ARG A 626 -2.84 27.17 31.85
C ARG A 626 -1.37 27.11 31.41
N PRO A 627 -0.52 28.05 31.89
CA PRO A 627 0.92 27.94 31.65
C PRO A 627 1.48 26.64 32.24
N ASP A 628 2.44 26.04 31.54
CA ASP A 628 3.14 24.85 32.02
C ASP A 628 4.48 25.28 32.61
N VAL A 629 4.56 25.22 33.94
CA VAL A 629 5.74 25.74 34.65
C VAL A 629 7.03 24.90 34.46
N ARG A 630 6.91 23.79 33.70
CA ARG A 630 8.10 23.04 33.25
C ARG A 630 8.68 23.58 31.93
N VAL A 631 7.95 24.44 31.24
CA VAL A 631 8.35 24.80 29.86
C VAL A 631 8.40 26.31 29.71
N SER A 632 9.50 26.84 29.20
CA SER A 632 9.69 28.30 29.16
CA SER A 632 9.71 28.30 29.13
C SER A 632 8.58 29.02 28.39
N PRO A 633 8.21 30.25 28.85
CA PRO A 633 7.28 31.05 28.03
C PRO A 633 7.74 31.10 26.56
N GLY A 634 9.07 31.16 26.33
CA GLY A 634 9.64 31.25 24.98
C GLY A 634 9.45 30.00 24.12
N PHE A 635 9.13 28.87 24.75
CA PHE A 635 8.86 27.61 24.05
C PHE A 635 7.39 27.19 24.16
N SER A 636 6.53 28.17 24.38
CA SER A 636 5.12 27.91 24.64
C SER A 636 4.31 28.58 23.55
N GLN A 637 3.14 28.03 23.27
CA GLN A 637 2.12 28.75 22.50
C GLN A 637 1.56 29.89 23.33
N ASN A 638 0.73 30.73 22.73
CA ASN A 638 0.05 31.76 23.49
C ASN A 638 -1.37 31.94 22.98
N CYS A 639 -2.24 32.39 23.88
CA CYS A 639 -3.67 32.50 23.57
C CYS A 639 -3.96 33.68 22.69
N LEU A 640 -3.12 34.71 22.75
CA LEU A 640 -3.35 35.94 21.93
C LEU A 640 -3.31 35.67 20.44
N ALA A 641 -2.37 34.82 20.03
CA ALA A 641 -2.28 34.42 18.62
C ALA A 641 -3.59 33.83 18.13
N TYR A 642 -4.22 32.96 18.94
CA TYR A 642 -5.48 32.30 18.57
C TYR A 642 -6.63 33.32 18.53
N LYS A 643 -6.61 34.25 19.49
CA LYS A 643 -7.62 35.30 19.55
C LYS A 643 -7.49 36.16 18.30
N ASN A 644 -6.29 36.59 17.95
CA ASN A 644 -6.09 37.38 16.74
C ASN A 644 -6.41 36.66 15.44
N ASP A 645 -6.15 35.35 15.38
CA ASP A 645 -6.33 34.59 14.17
C ASP A 645 -7.80 34.23 14.05
N LYS A 646 -8.48 34.95 13.18
CA LYS A 646 -9.90 34.78 13.03
C LYS A 646 -10.28 33.44 12.42
N GLN A 647 -9.35 32.79 11.74
CA GLN A 647 -9.64 31.47 11.11
C GLN A 647 -9.33 30.29 12.05
N MET A 648 -8.36 30.46 12.94
CA MET A 648 -7.76 29.33 13.67
C MET A 648 -8.24 29.27 15.11
N SER A 649 -8.71 28.13 15.56
CA SER A 649 -8.96 27.94 17.00
C SER A 649 -7.93 26.93 17.54
N TYR A 650 -8.23 26.25 18.65
CA TYR A 650 -7.36 25.25 19.21
C TYR A 650 -8.14 24.07 19.76
N GLY A 651 -7.47 22.91 19.86
CA GLY A 651 -7.95 21.75 20.59
C GLY A 651 -6.88 21.20 21.49
N PHE A 652 -7.17 20.07 22.10
CA PHE A 652 -6.24 19.40 22.99
C PHE A 652 -5.94 18.01 22.52
N LEU A 653 -4.69 17.58 22.70
CA LEU A 653 -4.30 16.23 22.32
C LEU A 653 -4.84 15.17 23.29
N PHE A 654 -4.53 15.34 24.57
CA PHE A 654 -5.27 14.52 25.57
C PHE A 654 -6.61 15.19 25.86
N PRO A 655 -7.73 14.47 25.63
CA PRO A 655 -9.09 15.03 25.78
C PRO A 655 -9.43 15.29 27.27
N PRO A 656 -9.78 16.55 27.61
CA PRO A 656 -10.25 16.83 28.96
C PRO A 656 -11.42 15.91 29.38
N TYR A 657 -12.20 15.46 28.39
CA TYR A 657 -13.42 14.67 28.65
C TYR A 657 -13.12 13.36 29.32
N LEU A 658 -11.86 12.89 29.24
CA LEU A 658 -11.47 11.59 29.72
C LEU A 658 -10.51 11.59 30.94
N SER A 659 -10.45 12.75 31.57
CA SER A 659 -9.71 12.94 32.83
CA SER A 659 -9.70 12.93 32.82
C SER A 659 -10.16 11.96 33.91
N SER A 660 -9.21 11.46 34.71
CA SER A 660 -9.56 10.48 35.77
C SER A 660 -10.25 11.09 36.99
N SER A 661 -10.13 12.39 37.18
CA SER A 661 -10.65 13.06 38.36
C SER A 661 -10.76 14.54 38.06
N PRO A 662 -11.67 15.26 38.79
CA PRO A 662 -11.74 16.70 38.63
C PRO A 662 -10.38 17.35 38.81
N GLU A 663 -9.55 16.83 39.73
CA GLU A 663 -8.21 17.43 39.93
C GLU A 663 -7.27 17.15 38.75
N ALA A 664 -7.26 15.93 38.24
CA ALA A 664 -6.42 15.58 37.08
C ALA A 664 -6.85 16.39 35.85
N LYS A 665 -8.14 16.73 35.77
CA LYS A 665 -8.64 17.51 34.63
C LYS A 665 -7.84 18.80 34.33
N TYR A 666 -7.31 19.46 35.37
CA TYR A 666 -6.53 20.69 35.15
C TYR A 666 -5.33 20.50 34.24
N ASP A 667 -4.69 19.32 34.30
CA ASP A 667 -3.53 19.02 33.45
C ASP A 667 -3.91 19.08 31.97
N ALA A 668 -5.15 18.74 31.65
CA ALA A 668 -5.55 18.71 30.23
C ALA A 668 -5.64 20.10 29.61
N PHE A 669 -5.75 21.12 30.47
CA PHE A 669 -5.79 22.48 29.97
C PHE A 669 -4.41 23.18 29.90
N LEU A 670 -3.32 22.42 30.12
CA LEU A 670 -1.97 22.99 29.99
C LEU A 670 -1.72 23.45 28.56
N VAL A 671 -1.03 24.56 28.41
CA VAL A 671 -0.72 25.15 27.11
C VAL A 671 0.14 24.17 26.29
N THR A 672 0.84 23.27 26.99
CA THR A 672 1.64 22.26 26.34
C THR A 672 0.81 21.04 25.82
N ASN A 673 -0.51 21.01 26.04
CA ASN A 673 -1.39 19.95 25.53
C ASN A 673 -2.26 20.54 24.36
N MET A 674 -2.08 21.82 24.05
CA MET A 674 -2.88 22.58 23.06
CA MET A 674 -2.92 22.48 23.04
C MET A 674 -2.30 22.45 21.63
N VAL A 675 -3.18 22.37 20.63
CA VAL A 675 -2.79 22.34 19.20
C VAL A 675 -3.73 23.20 18.37
N PRO A 676 -3.21 23.76 17.25
CA PRO A 676 -4.07 24.64 16.44
C PRO A 676 -5.06 23.80 15.65
N MET A 677 -6.32 24.21 15.68
CA MET A 677 -7.40 23.51 14.99
C MET A 677 -8.44 24.49 14.45
N TYR A 678 -8.75 24.31 13.17
CA TYR A 678 -9.85 25.02 12.53
C TYR A 678 -11.14 24.62 13.22
N PRO A 679 -12.10 25.58 13.36
CA PRO A 679 -13.43 25.24 13.91
C PRO A 679 -14.09 24.07 13.21
N ALA A 680 -14.01 24.00 11.89
CA ALA A 680 -14.56 22.88 11.15
C ALA A 680 -13.92 21.55 11.57
N PHE A 681 -12.60 21.52 11.74
CA PHE A 681 -11.95 20.30 12.24
C PHE A 681 -12.27 19.95 13.68
N LYS A 682 -12.44 20.96 14.55
CA LYS A 682 -12.82 20.70 15.94
C LYS A 682 -14.09 19.89 16.10
N ARG A 683 -15.03 20.03 15.16
CA ARG A 683 -16.24 19.17 15.15
C ARG A 683 -15.85 17.72 15.07
N VAL A 684 -14.92 17.43 14.16
CA VAL A 684 -14.40 16.07 13.95
C VAL A 684 -13.69 15.60 15.23
N TRP A 685 -12.71 16.39 15.66
CA TRP A 685 -11.83 16.04 16.76
C TRP A 685 -12.63 15.81 18.08
N ALA A 686 -13.56 16.71 18.36
CA ALA A 686 -14.37 16.63 19.59
C ALA A 686 -15.24 15.37 19.63
N TYR A 687 -15.80 15.00 18.48
CA TYR A 687 -16.60 13.80 18.42
C TYR A 687 -15.74 12.53 18.58
N PHE A 688 -14.58 12.52 17.94
CA PHE A 688 -13.62 11.45 18.15
C PHE A 688 -13.30 11.32 19.64
N GLN A 689 -12.95 12.43 20.27
CA GLN A 689 -12.44 12.39 21.65
C GLN A 689 -13.54 12.13 22.70
N ARG A 690 -14.71 12.77 22.51
CA ARG A 690 -15.83 12.71 23.46
C ARG A 690 -16.62 11.40 23.34
N VAL A 691 -16.78 10.92 22.10
CA VAL A 691 -17.65 9.75 21.84
C VAL A 691 -16.86 8.49 21.44
N LEU A 692 -16.05 8.60 20.40
CA LEU A 692 -15.45 7.41 19.82
C LEU A 692 -14.39 6.74 20.68
N VAL A 693 -13.55 7.51 21.38
CA VAL A 693 -12.50 6.86 22.18
C VAL A 693 -13.17 5.93 23.22
N LYS A 694 -14.20 6.45 23.88
CA LYS A 694 -14.88 5.64 24.91
C LYS A 694 -15.52 4.39 24.24
N LYS A 695 -16.14 4.60 23.08
CA LYS A 695 -16.73 3.47 22.33
C LYS A 695 -15.69 2.40 22.02
N TYR A 696 -14.51 2.81 21.53
CA TYR A 696 -13.49 1.82 21.25
C TYR A 696 -12.99 1.13 22.50
N ALA A 697 -12.84 1.89 23.60
CA ALA A 697 -12.40 1.28 24.88
C ALA A 697 -13.42 0.23 25.34
N SER A 698 -14.69 0.53 25.13
CA SER A 698 -15.78 -0.40 25.49
C SER A 698 -15.81 -1.67 24.59
N GLU A 699 -15.67 -1.48 23.28
CA GLU A 699 -15.60 -2.58 22.32
C GLU A 699 -14.33 -3.42 22.42
N ARG A 700 -13.20 -2.82 22.78
CA ARG A 700 -11.91 -3.53 22.69
C ARG A 700 -11.31 -3.93 24.03
N ASN A 701 -12.01 -3.63 25.12
CA ASN A 701 -11.53 -3.91 26.47
C ASN A 701 -10.33 -3.02 26.87
N GLY A 702 -10.56 -1.73 26.78
CA GLY A 702 -9.47 -0.75 27.00
C GLY A 702 -8.75 -0.49 25.66
N VAL A 703 -8.33 0.77 25.48
CA VAL A 703 -7.44 1.12 24.36
C VAL A 703 -6.29 1.99 24.88
N ASN A 704 -5.13 1.80 24.27
CA ASN A 704 -4.10 2.80 24.39
C ASN A 704 -4.18 3.70 23.12
N VAL A 705 -4.09 5.02 23.32
CA VAL A 705 -4.15 5.97 22.23
C VAL A 705 -2.86 6.81 22.23
N ILE A 706 -2.24 6.96 21.05
CA ILE A 706 -1.15 7.95 20.88
C ILE A 706 -1.62 8.86 19.76
N SER A 707 -1.71 10.17 20.03
CA SER A 707 -2.18 11.14 19.06
C SER A 707 -1.12 12.20 18.83
N GLY A 708 -1.18 12.89 17.70
CA GLY A 708 -0.20 13.98 17.49
C GLY A 708 -0.48 14.69 16.17
N PRO A 709 0.30 15.72 15.89
CA PRO A 709 0.20 16.53 14.68
C PRO A 709 1.10 15.89 13.59
N ILE A 710 0.79 16.17 12.33
CA ILE A 710 1.62 15.82 11.16
C ILE A 710 1.76 17.07 10.31
N PHE A 711 2.97 17.32 9.81
CA PHE A 711 3.21 18.44 8.92
C PHE A 711 3.72 17.85 7.62
N ASP A 712 2.91 17.86 6.55
CA ASP A 712 3.37 17.38 5.26
C ASP A 712 2.92 18.38 4.15
N TYR A 713 3.49 19.57 4.20
CA TYR A 713 3.13 20.64 3.26
C TYR A 713 3.58 20.37 1.82
N ASN A 714 4.61 19.54 1.63
CA ASN A 714 5.07 19.19 0.28
C ASN A 714 4.53 17.83 -0.19
N TYR A 715 3.55 17.29 0.55
CA TYR A 715 2.81 16.06 0.20
C TYR A 715 3.68 14.90 -0.31
N ASP A 716 4.81 14.67 0.35
CA ASP A 716 5.74 13.60 -0.07
C ASP A 716 5.65 12.38 0.87
N GLY A 717 4.76 12.47 1.83
CA GLY A 717 4.55 11.34 2.77
C GLY A 717 5.58 11.29 3.86
N LEU A 718 6.45 12.31 3.91
CA LEU A 718 7.52 12.38 4.90
C LEU A 718 7.46 13.62 5.78
N ARG A 719 7.88 13.47 7.04
CA ARG A 719 7.97 14.53 8.03
C ARG A 719 8.62 15.76 7.43
N ASP A 720 7.94 16.91 7.48
CA ASP A 720 8.57 18.19 7.10
C ASP A 720 9.61 18.66 8.11
N THR A 721 10.67 19.25 7.61
CA THR A 721 11.54 20.07 8.47
C THR A 721 10.83 21.41 8.69
N GLU A 722 11.27 22.20 9.68
CA GLU A 722 10.59 23.47 10.02
C GLU A 722 10.52 24.44 8.87
N ASP A 723 11.51 24.44 7.99
CA ASP A 723 11.55 25.39 6.87
C ASP A 723 10.60 25.01 5.72
N GLU A 724 9.86 23.92 5.87
CA GLU A 724 8.84 23.51 4.90
C GLU A 724 7.40 23.99 5.21
N ILE A 725 7.22 24.57 6.39
CA ILE A 725 5.90 24.90 6.91
C ILE A 725 5.38 26.15 6.22
N LYS A 726 4.20 26.03 5.60
CA LYS A 726 3.60 27.12 4.85
C LYS A 726 2.55 27.95 5.61
N GLN A 727 2.21 27.55 6.83
CA GLN A 727 1.16 28.30 7.52
C GLN A 727 1.36 28.24 9.02
N TYR A 728 1.19 29.41 9.68
CA TYR A 728 1.41 29.58 11.12
C TYR A 728 0.17 30.25 11.68
N VAL A 729 -0.06 30.13 12.99
CA VAL A 729 -1.14 30.87 13.60
C VAL A 729 -0.75 32.37 13.51
N GLU A 730 -1.68 33.17 13.03
CA GLU A 730 -1.45 34.60 12.74
C GLU A 730 -0.61 35.31 13.75
N GLY A 731 0.51 35.87 13.27
CA GLY A 731 1.44 36.65 14.06
C GLY A 731 2.30 35.85 15.02
N SER A 732 2.42 34.53 14.84
CA SER A 732 3.16 33.72 15.79
C SER A 732 4.08 32.78 15.07
N SER A 733 4.86 32.08 15.87
CA SER A 733 5.69 30.97 15.38
C SER A 733 5.07 29.58 15.57
N ILE A 734 3.78 29.54 15.84
CA ILE A 734 3.04 28.28 16.02
C ILE A 734 2.68 27.71 14.61
N PRO A 735 3.30 26.58 14.20
CA PRO A 735 3.07 26.00 12.89
C PRO A 735 1.70 25.25 12.88
N VAL A 736 1.03 25.23 11.74
CA VAL A 736 -0.27 24.66 11.63
C VAL A 736 -0.10 23.25 10.99
N PRO A 737 -0.52 22.19 11.70
CA PRO A 737 -0.42 20.84 11.13
C PRO A 737 -1.27 20.70 9.88
N THR A 738 -0.82 19.85 8.97
CA THR A 738 -1.66 19.49 7.81
C THR A 738 -2.61 18.33 8.16
N HIS A 739 -2.29 17.56 9.21
CA HIS A 739 -3.05 16.38 9.55
C HIS A 739 -2.90 16.13 11.06
N TYR A 740 -3.87 15.36 11.61
CA TYR A 740 -3.76 14.84 12.98
C TYR A 740 -3.91 13.33 12.94
N TYR A 741 -2.99 12.66 13.62
CA TYR A 741 -3.04 11.18 13.67
C TYR A 741 -3.51 10.67 15.03
N SER A 742 -3.98 9.43 15.05
CA SER A 742 -4.06 8.64 16.28
C SER A 742 -3.82 7.16 15.97
N ILE A 743 -3.17 6.48 16.91
CA ILE A 743 -2.85 5.06 16.84
C ILE A 743 -3.53 4.48 18.08
N ILE A 744 -4.46 3.54 17.86
CA ILE A 744 -5.30 3.02 18.93
C ILE A 744 -5.01 1.51 19.05
N THR A 745 -4.40 1.10 20.16
CA THR A 745 -3.84 -0.22 20.29
C THR A 745 -4.63 -0.92 21.45
N SER A 746 -4.87 -2.23 21.32
CA SER A 746 -5.45 -3.03 22.38
C SER A 746 -4.92 -4.47 22.24
N CYS A 747 -5.43 -5.38 23.08
CA CYS A 747 -5.01 -6.78 23.04
C CYS A 747 -5.75 -7.51 21.95
N LEU A 748 -5.06 -8.32 21.14
CA LEU A 748 -5.76 -9.08 20.07
C LEU A 748 -6.80 -10.01 20.73
N ASP A 749 -6.41 -10.62 21.85
CA ASP A 749 -7.38 -11.36 22.68
C ASP A 749 -8.08 -10.35 23.60
N PHE A 750 -9.27 -9.90 23.16
CA PHE A 750 -10.06 -8.86 23.79
C PHE A 750 -10.67 -9.27 25.14
N THR A 751 -10.44 -10.52 25.56
CA THR A 751 -10.81 -10.92 26.93
C THR A 751 -9.79 -10.40 27.90
N GLN A 752 -8.62 -10.00 27.40
CA GLN A 752 -7.61 -9.37 28.27
C GLN A 752 -7.63 -7.85 28.12
N PRO A 753 -7.56 -7.09 29.25
CA PRO A 753 -7.60 -5.62 29.12
C PRO A 753 -6.36 -5.06 28.43
N ALA A 754 -6.49 -3.90 27.78
CA ALA A 754 -5.35 -3.36 26.99
C ALA A 754 -4.05 -3.31 27.82
N ASP A 755 -4.16 -2.85 29.07
CA ASP A 755 -2.98 -2.70 29.95
C ASP A 755 -2.47 -4.01 30.60
N LYS A 756 -3.13 -5.12 30.37
CA LYS A 756 -2.64 -6.40 30.89
C LYS A 756 -2.71 -7.48 29.82
N CYS A 757 -2.12 -7.20 28.65
CA CYS A 757 -2.21 -8.08 27.48
C CYS A 757 -1.00 -9.03 27.43
N ASP A 758 -1.22 -10.33 27.31
CA ASP A 758 -0.10 -11.31 27.37
C ASP A 758 0.56 -11.65 26.04
N GLY A 759 -0.13 -11.34 24.94
CA GLY A 759 0.25 -11.80 23.61
C GLY A 759 0.17 -10.73 22.51
N PRO A 760 -0.27 -11.13 21.28
CA PRO A 760 -0.28 -10.18 20.16
C PRO A 760 -1.25 -9.03 20.35
N LEU A 761 -0.93 -7.90 19.68
CA LEU A 761 -1.71 -6.68 19.78
C LEU A 761 -2.63 -6.53 18.60
N SER A 762 -3.63 -5.66 18.73
CA SER A 762 -4.54 -5.21 17.68
C SER A 762 -4.41 -3.68 17.53
N VAL A 763 -4.42 -3.14 16.31
CA VAL A 763 -4.21 -1.69 16.10
C VAL A 763 -5.14 -1.21 15.02
N SER A 764 -5.67 -0.02 15.21
CA SER A 764 -6.24 0.74 14.11
C SER A 764 -5.73 2.19 14.24
N SER A 765 -5.59 2.86 13.12
CA SER A 765 -5.01 4.22 13.14
C SER A 765 -5.66 5.07 12.09
N PHE A 766 -5.52 6.39 12.22
CA PHE A 766 -5.97 7.30 11.18
C PHE A 766 -5.02 8.51 11.03
N ILE A 767 -5.05 9.11 9.86
CA ILE A 767 -4.34 10.35 9.56
C ILE A 767 -5.42 11.29 9.00
N LEU A 768 -6.00 12.13 9.86
CA LEU A 768 -7.14 12.97 9.42
C LEU A 768 -6.59 14.26 8.85
N PRO A 769 -7.08 14.69 7.67
CA PRO A 769 -6.63 15.99 7.15
C PRO A 769 -7.17 17.15 8.03
N HIS A 770 -6.33 18.13 8.26
CA HIS A 770 -6.68 19.26 9.09
C HIS A 770 -7.16 20.34 8.12
N ARG A 771 -8.45 20.31 7.81
CA ARG A 771 -9.01 21.20 6.80
C ARG A 771 -9.94 22.28 7.42
N PRO A 772 -9.93 23.52 6.86
CA PRO A 772 -10.77 24.62 7.37
C PRO A 772 -12.24 24.48 7.05
N ASP A 773 -12.63 23.46 6.28
CA ASP A 773 -14.05 23.21 5.99
C ASP A 773 -14.26 21.71 6.01
N ASN A 774 -15.52 21.28 6.05
CA ASN A 774 -15.84 19.91 5.86
C ASN A 774 -16.44 19.57 4.47
N ASP A 775 -15.93 20.20 3.42
CA ASP A 775 -16.45 19.97 2.05
C ASP A 775 -16.31 18.53 1.58
N GLU A 776 -15.27 17.84 2.06
CA GLU A 776 -15.11 16.40 1.84
C GLU A 776 -16.32 15.58 2.28
N SER A 777 -16.96 15.96 3.38
CA SER A 777 -18.11 15.19 3.84
C SER A 777 -19.43 15.85 3.44
N CYS A 778 -20.08 15.29 2.43
CA CYS A 778 -21.30 15.91 1.89
C CYS A 778 -22.44 16.04 2.89
N ASN A 779 -22.49 15.18 3.90
CA ASN A 779 -23.53 15.24 4.94
C ASN A 779 -23.10 15.96 6.25
N SER A 780 -22.06 16.81 6.19
CA SER A 780 -21.50 17.42 7.41
C SER A 780 -22.37 18.48 8.13
N SER A 781 -23.44 18.95 7.49
CA SER A 781 -24.38 19.83 8.21
C SER A 781 -25.27 19.03 9.20
N GLU A 782 -25.26 17.71 9.09
CA GLU A 782 -25.94 16.85 10.04
C GLU A 782 -25.10 16.62 11.32
N ASP A 783 -25.68 15.93 12.31
CA ASP A 783 -24.97 15.61 13.56
C ASP A 783 -23.75 14.72 13.27
N GLU A 784 -22.66 14.98 13.99
CA GLU A 784 -21.39 14.25 13.86
C GLU A 784 -21.51 12.72 13.81
N SER A 785 -22.51 12.17 14.53
CA SER A 785 -22.82 10.72 14.55
C SER A 785 -23.16 10.14 13.17
N LYS A 786 -23.42 11.01 12.20
CA LYS A 786 -23.81 10.59 10.85
C LYS A 786 -22.70 10.77 9.80
N TRP A 787 -21.50 11.24 10.20
CA TRP A 787 -20.45 11.50 9.19
C TRP A 787 -19.01 11.46 9.68
N VAL A 788 -18.77 11.71 10.96
CA VAL A 788 -17.38 11.76 11.42
C VAL A 788 -16.67 10.40 11.30
N GLU A 789 -17.31 9.33 11.79
CA GLU A 789 -16.69 8.04 11.78
C GLU A 789 -16.38 7.55 10.34
N GLU A 790 -17.27 7.85 9.41
CA GLU A 790 -17.04 7.55 7.99
C GLU A 790 -15.85 8.31 7.42
N LEU A 791 -15.71 9.56 7.81
CA LEU A 791 -14.55 10.36 7.46
C LEU A 791 -13.28 9.67 8.00
N MET A 792 -13.32 9.22 9.26
CA MET A 792 -12.13 8.59 9.86
C MET A 792 -11.78 7.30 9.17
N LYS A 793 -12.81 6.56 8.78
CA LYS A 793 -12.61 5.33 8.06
C LYS A 793 -11.95 5.54 6.69
N MET A 794 -12.36 6.60 5.99
CA MET A 794 -11.79 6.98 4.72
CA MET A 794 -11.76 6.93 4.70
C MET A 794 -10.28 7.27 4.87
N HIS A 795 -9.91 7.78 6.04
CA HIS A 795 -8.54 8.21 6.35
C HIS A 795 -7.80 7.26 7.30
N THR A 796 -8.24 5.99 7.28
CA THR A 796 -7.53 4.93 7.97
C THR A 796 -6.07 4.84 7.49
N ALA A 797 -5.18 4.38 8.37
CA ALA A 797 -3.75 4.44 8.08
C ALA A 797 -3.00 3.29 8.73
N ARG A 798 -1.81 3.02 8.21
CA ARG A 798 -0.91 2.04 8.83
C ARG A 798 -0.08 2.81 9.82
N VAL A 799 0.29 2.16 10.92
CA VAL A 799 1.27 2.81 11.81
C VAL A 799 2.52 3.25 11.00
N ARG A 800 2.97 2.43 10.06
CA ARG A 800 4.13 2.77 9.24
C ARG A 800 3.95 4.11 8.47
N ASP A 801 2.70 4.39 8.05
CA ASP A 801 2.44 5.66 7.35
C ASP A 801 2.69 6.82 8.31
N ILE A 802 2.27 6.64 9.56
CA ILE A 802 2.44 7.70 10.55
C ILE A 802 3.93 7.87 10.90
N GLU A 803 4.64 6.75 10.97
CA GLU A 803 6.11 6.81 11.21
C GLU A 803 6.86 7.64 10.14
N HIS A 804 6.52 7.42 8.87
CA HIS A 804 7.17 8.17 7.77
C HIS A 804 6.89 9.67 7.93
N LEU A 805 5.64 9.99 8.31
CA LEU A 805 5.13 11.34 8.39
C LEU A 805 5.62 12.10 9.63
N THR A 806 6.11 11.40 10.65
CA THR A 806 6.51 12.03 11.92
C THR A 806 7.99 11.83 12.26
N GLY A 807 8.67 10.85 11.65
CA GLY A 807 10.01 10.43 12.04
C GLY A 807 10.06 9.80 13.41
N LEU A 808 8.96 9.21 13.84
CA LEU A 808 8.90 8.50 15.16
C LEU A 808 8.94 7.00 14.89
N ASP A 809 9.31 6.24 15.90
CA ASP A 809 9.28 4.80 15.78
C ASP A 809 8.56 4.30 17.02
N PHE A 810 7.45 3.59 16.82
CA PHE A 810 6.53 3.18 17.88
C PHE A 810 6.78 1.72 18.31
N TYR A 811 6.09 1.25 19.36
CA TYR A 811 6.21 -0.13 19.87
C TYR A 811 7.66 -0.57 20.14
N ARG A 812 8.45 0.31 20.74
CA ARG A 812 9.87 0.06 21.05
C ARG A 812 10.06 -0.99 22.19
N LYS A 813 9.09 -1.12 23.09
CA LYS A 813 9.24 -1.95 24.31
C LYS A 813 8.04 -2.80 24.42
N THR A 814 8.07 -3.94 23.77
CA THR A 814 7.03 -4.94 23.95
C THR A 814 7.81 -6.22 24.20
N SER A 815 7.11 -7.28 24.54
CA SER A 815 7.77 -8.57 24.59
C SER A 815 7.60 -9.38 23.29
N ARG A 816 7.02 -8.77 22.26
CA ARG A 816 6.80 -9.45 20.97
C ARG A 816 8.03 -9.47 20.09
N SER A 817 8.12 -10.43 19.18
CA SER A 817 9.22 -10.50 18.24
C SER A 817 9.15 -9.24 17.33
N TYR A 818 10.29 -8.72 16.92
CA TYR A 818 10.32 -7.49 16.14
C TYR A 818 9.64 -7.66 14.78
N SER A 819 9.80 -8.83 14.14
CA SER A 819 9.06 -9.10 12.90
CA SER A 819 9.07 -9.07 12.89
C SER A 819 7.56 -9.04 13.09
N GLU A 820 7.07 -9.55 14.22
CA GLU A 820 5.63 -9.50 14.49
C GLU A 820 5.18 -8.04 14.64
N ILE A 821 6.02 -7.23 15.28
CA ILE A 821 5.70 -5.78 15.43
C ILE A 821 5.74 -5.11 14.04
N LEU A 822 6.67 -5.50 13.19
CA LEU A 822 6.70 -4.87 11.85
C LEU A 822 5.43 -5.23 11.10
N THR A 823 4.95 -6.47 11.18
CA THR A 823 3.65 -6.84 10.60
C THR A 823 2.52 -5.96 11.17
N LEU A 824 2.49 -5.79 12.49
CA LEU A 824 1.49 -4.93 13.15
C LEU A 824 1.53 -3.49 12.60
N LYS A 825 2.77 -2.97 12.37
CA LYS A 825 2.93 -1.58 11.95
C LYS A 825 2.48 -1.42 10.47
N THR A 826 2.45 -2.49 9.68
CA THR A 826 1.98 -2.40 8.28
C THR A 826 0.52 -2.74 8.15
N TYR A 827 -0.10 -3.16 9.25
CA TYR A 827 -1.55 -3.46 9.20
C TYR A 827 -2.41 -2.25 8.81
N LEU A 828 -3.42 -2.48 7.97
CA LEU A 828 -4.38 -1.44 7.67
C LEU A 828 -5.79 -1.96 7.94
N HIS A 829 -6.51 -1.28 8.81
CA HIS A 829 -7.90 -1.62 9.06
C HIS A 829 -8.71 -0.96 7.92
N THR A 830 -9.32 -1.75 7.02
N THR A 830 -9.18 -1.80 7.02
CA THR A 830 -9.94 -1.16 5.79
CA THR A 830 -10.19 -1.39 6.09
C THR A 830 -11.46 -0.82 5.88
C THR A 830 -11.46 -1.69 6.87
N TYR A 831 -12.12 -1.40 6.87
N TYR A 831 -12.51 -0.98 6.53
CA TYR A 831 -13.55 -1.16 7.09
CA TYR A 831 -13.75 -1.24 7.20
C TYR A 831 -14.45 -1.54 5.89
C TYR A 831 -14.68 -1.97 6.23
N GLU A 832 -14.09 -2.63 5.24
CA GLU A 832 -14.87 -3.27 4.17
C GLU A 832 -15.52 -4.49 4.85
N SER A 833 -16.71 -4.88 4.41
CA SER A 833 -17.28 -6.14 4.90
C SER A 833 -16.39 -7.36 4.50
N GLU A 834 -16.79 -8.57 4.91
CA GLU A 834 -15.92 -9.78 4.94
C GLU A 834 -14.86 -9.94 3.83
C1 NAG B . 9.28 5.17 -0.86
C2 NAG B . 9.37 6.37 0.03
C3 NAG B . 10.23 7.42 -0.72
C4 NAG B . 11.57 6.89 -1.21
C5 NAG B . 11.46 5.49 -1.88
C6 NAG B . 12.84 4.84 -2.07
C7 NAG B . 7.52 6.92 1.56
C8 NAG B . 6.14 7.52 1.75
N2 NAG B . 8.05 6.90 0.31
O3 NAG B . 10.40 8.58 0.10
O4 NAG B . 11.98 7.76 -2.31
O5 NAG B . 10.63 4.65 -1.05
O6 NAG B . 13.51 4.88 -0.80
O7 NAG B . 8.14 6.49 2.54
C1 NAG B . 13.22 8.40 -2.08
C2 NAG B . 13.76 8.81 -3.46
C3 NAG B . 15.10 9.52 -3.23
C4 NAG B . 14.90 10.70 -2.24
C5 NAG B . 14.19 10.30 -0.92
C6 NAG B . 13.74 11.54 -0.11
C7 NAG B . 13.03 7.16 -5.16
C8 NAG B . 13.36 5.92 -5.93
N2 NAG B . 13.94 7.62 -4.30
O3 NAG B . 15.56 9.93 -4.54
O4 NAG B . 16.17 11.29 -1.92
O5 NAG B . 13.01 9.52 -1.22
O6 NAG B . 12.76 12.29 -0.87
O7 NAG B . 11.97 7.71 -5.34
C1 BMA B . 16.49 12.37 -2.86
C2 BMA B . 17.17 13.48 -2.08
C3 BMA B . 17.82 14.53 -3.01
C4 BMA B . 18.67 13.89 -4.13
C5 BMA B . 17.89 12.80 -4.86
C6 BMA B . 18.71 11.97 -5.86
O2 BMA B . 18.12 12.79 -1.25
O3 BMA B . 18.67 15.43 -2.26
O4 BMA B . 19.05 14.91 -5.05
O5 BMA B . 17.36 11.87 -3.90
O6 BMA B . 17.69 11.39 -6.67
C1 MAN B . 18.10 10.58 -7.79
C2 MAN B . 16.80 10.30 -8.61
C3 MAN B . 15.96 9.12 -8.04
C4 MAN B . 16.87 7.92 -7.80
C5 MAN B . 18.04 8.28 -6.85
C6 MAN B . 18.96 7.09 -6.61
O2 MAN B . 16.98 10.17 -10.04
O3 MAN B . 14.83 8.70 -8.87
O4 MAN B . 16.09 6.82 -7.31
O5 MAN B . 18.82 9.38 -7.39
O6 MAN B . 19.46 6.60 -7.87
C1 MAN B . 13.69 9.60 -8.79
C2 MAN B . 12.31 8.90 -8.93
C3 MAN B . 12.18 8.28 -10.35
C4 MAN B . 12.47 9.32 -11.45
C5 MAN B . 13.64 10.28 -11.13
C6 MAN B . 13.52 11.54 -11.96
O2 MAN B . 11.26 9.89 -8.80
O3 MAN B . 10.83 7.84 -10.64
O4 MAN B . 12.69 8.63 -12.69
O5 MAN B . 13.75 10.70 -9.75
O6 MAN B . 14.88 11.79 -12.33
C1 MAN B . 10.67 10.03 -7.49
C2 MAN B . 9.33 10.77 -7.64
C3 MAN B . 9.60 12.24 -7.93
C4 MAN B . 10.45 12.86 -6.83
C5 MAN B . 11.79 12.12 -6.66
C6 MAN B . 12.67 12.64 -5.50
O2 MAN B . 8.55 10.69 -6.42
O3 MAN B . 8.33 12.86 -7.95
O4 MAN B . 10.66 14.26 -7.10
O5 MAN B . 11.55 10.69 -6.52
O6 MAN B . 14.04 12.20 -5.66
C1 MAN B . 18.07 16.74 -1.98
C2 MAN B . 19.22 17.77 -1.87
C3 MAN B . 20.00 17.69 -0.55
C4 MAN B . 19.03 17.73 0.61
C5 MAN B . 18.01 16.59 0.41
C6 MAN B . 17.16 16.28 1.64
O2 MAN B . 18.69 19.11 -1.91
O3 MAN B . 20.88 18.81 -0.46
O4 MAN B . 19.78 17.62 1.84
O5 MAN B . 17.23 16.77 -0.81
O6 MAN B . 18.01 15.55 2.54
C1 MAN B . 19.10 19.75 -3.12
C2 MAN B . 19.35 21.24 -2.79
C3 MAN B . 18.00 22.00 -2.72
C4 MAN B . 16.97 21.61 -3.80
C5 MAN B . 16.82 20.06 -3.90
C6 MAN B . 15.85 19.58 -4.98
O2 MAN B . 20.33 21.80 -3.68
O3 MAN B . 18.16 23.43 -2.75
O4 MAN B . 15.72 22.25 -3.50
O5 MAN B . 18.12 19.51 -4.15
O6 MAN B . 16.37 19.84 -6.29
CA CA C . -4.07 -5.60 -14.91
C10 XR6 D . 6.09 -8.82 -13.05
C11 XR6 D . 6.37 -8.87 -11.60
C15 XR6 D . 5.35 -9.86 -13.61
C16 XR6 D . 5.07 -9.80 -14.97
C17 XR6 D . 5.54 -8.78 -15.77
C18 XR6 D . 5.24 -8.83 -17.23
C19 XR6 D . 4.43 -7.97 -17.80
C20 XR6 D . 4.16 -8.12 -19.26
C22 XR6 D . 2.97 -7.35 -21.30
C23 XR6 D . 3.99 -6.59 -22.15
C25 XR6 D . 4.79 -4.30 -22.07
C26 XR6 D . 5.01 -3.28 -21.11
C27 XR6 D . 5.98 -2.28 -21.33
C28 XR6 D . 6.72 -2.29 -22.53
C1 XR6 D . 4.06 -2.69 -16.24
C2 XR6 D . 5.13 -3.69 -15.89
N3 XR6 D . 5.27 -4.98 -16.41
N4 XR6 D . 6.39 -5.43 -15.78
N5 XR6 D . 6.91 -4.55 -14.93
N6 XR6 D . 6.17 -3.47 -14.98
C7 XR6 D . 6.95 -6.73 -16.03
C8 XR6 D . 6.28 -7.74 -15.20
C9 XR6 D . 6.56 -7.75 -13.81
F12 XR6 D . 5.35 -9.17 -10.85
F13 XR6 D . 7.23 -9.82 -11.21
F14 XR6 D . 6.82 -7.77 -11.08
N21 XR6 D . 3.30 -7.23 -19.84
O24 XR6 D . 3.89 -5.22 -21.65
C29 XR6 D . 6.47 -3.34 -23.49
C30 XR6 D . 5.51 -4.34 -23.29
C31 XR6 D . 2.61 -6.14 -19.10
O32 XR6 D . 4.66 -9.06 -19.95
C ACT E . -15.44 3.27 -3.09
O ACT E . -15.21 3.03 -1.87
OXT ACT E . -16.48 2.86 -3.65
CH3 ACT E . -14.44 4.08 -3.89
K K F . -9.33 32.30 16.55
CL CL G . -4.61 5.77 -15.71
ZN ZN H . -7.92 -4.45 -17.09
NA NA I . -19.74 19.25 3.97
CA CA J . 6.92 16.35 3.75
#